data_1QJK
# 
_entry.id   1QJK 
# 
_audit_conform.dict_name       mmcif_pdbx.dic 
_audit_conform.dict_version    5.392 
_audit_conform.dict_location   http://mmcif.pdb.org/dictionaries/ascii/mmcif_pdbx.dic 
# 
loop_
_database_2.database_id 
_database_2.database_code 
_database_2.pdbx_database_accession 
_database_2.pdbx_DOI 
PDB   1QJK         pdb_00001qjk 10.2210/pdb1qjk/pdb 
PDBE  EBI-2870     ?            ?                   
WWPDB D_1290002870 ?            ?                   
# 
loop_
_pdbx_audit_revision_history.ordinal 
_pdbx_audit_revision_history.data_content_type 
_pdbx_audit_revision_history.major_revision 
_pdbx_audit_revision_history.minor_revision 
_pdbx_audit_revision_history.revision_date 
1 'Structure model' 1 0 1999-08-31 
2 'Structure model' 1 1 2011-05-08 
3 'Structure model' 1 2 2011-07-13 
4 'Structure model' 1 3 2019-01-16 
5 'Structure model' 1 4 2024-05-15 
# 
_pdbx_audit_revision_details.ordinal             1 
_pdbx_audit_revision_details.revision_ordinal    1 
_pdbx_audit_revision_details.data_content_type   'Structure model' 
_pdbx_audit_revision_details.provider            repository 
_pdbx_audit_revision_details.type                'Initial release' 
_pdbx_audit_revision_details.description         ? 
_pdbx_audit_revision_details.details             ? 
# 
loop_
_pdbx_audit_revision_group.ordinal 
_pdbx_audit_revision_group.revision_ordinal 
_pdbx_audit_revision_group.data_content_type 
_pdbx_audit_revision_group.group 
1 2 'Structure model' 'Version format compliance' 
2 3 'Structure model' 'Version format compliance' 
3 4 'Structure model' 'Data collection'           
4 4 'Structure model' 'Database references'       
5 5 'Structure model' 'Data collection'           
6 5 'Structure model' 'Database references'       
7 5 'Structure model' 'Derived calculations'      
8 5 'Structure model' Other                       
# 
loop_
_pdbx_audit_revision_category.ordinal 
_pdbx_audit_revision_category.revision_ordinal 
_pdbx_audit_revision_category.data_content_type 
_pdbx_audit_revision_category.category 
1  4 'Structure model' citation               
2  4 'Structure model' citation_author        
3  5 'Structure model' chem_comp_atom         
4  5 'Structure model' chem_comp_bond         
5  5 'Structure model' database_2             
6  5 'Structure model' pdbx_database_status   
7  5 'Structure model' pdbx_nmr_software      
8  5 'Structure model' pdbx_struct_conn_angle 
9  5 'Structure model' struct_conn            
10 5 'Structure model' struct_site            
# 
loop_
_pdbx_audit_revision_item.ordinal 
_pdbx_audit_revision_item.revision_ordinal 
_pdbx_audit_revision_item.data_content_type 
_pdbx_audit_revision_item.item 
1  4 'Structure model' '_citation.journal_abbrev'                    
2  4 'Structure model' '_citation.page_last'                         
3  4 'Structure model' '_citation.pdbx_database_id_DOI'              
4  4 'Structure model' '_citation.title'                             
5  4 'Structure model' '_citation_author.name'                       
6  5 'Structure model' '_database_2.pdbx_DOI'                        
7  5 'Structure model' '_database_2.pdbx_database_accession'         
8  5 'Structure model' '_pdbx_database_status.status_code_mr'        
9  5 'Structure model' '_pdbx_nmr_software.name'                     
10 5 'Structure model' '_pdbx_struct_conn_angle.ptnr1_auth_seq_id'   
11 5 'Structure model' '_pdbx_struct_conn_angle.ptnr1_label_atom_id' 
12 5 'Structure model' '_pdbx_struct_conn_angle.ptnr1_label_seq_id'  
13 5 'Structure model' '_pdbx_struct_conn_angle.ptnr2_auth_seq_id'   
14 5 'Structure model' '_pdbx_struct_conn_angle.ptnr2_label_asym_id' 
15 5 'Structure model' '_pdbx_struct_conn_angle.ptnr3_auth_seq_id'   
16 5 'Structure model' '_pdbx_struct_conn_angle.ptnr3_label_atom_id' 
17 5 'Structure model' '_pdbx_struct_conn_angle.ptnr3_label_seq_id'  
18 5 'Structure model' '_pdbx_struct_conn_angle.value'               
19 5 'Structure model' '_struct_conn.pdbx_dist_value'                
20 5 'Structure model' '_struct_conn.ptnr1_auth_comp_id'             
21 5 'Structure model' '_struct_conn.ptnr1_auth_seq_id'              
22 5 'Structure model' '_struct_conn.ptnr1_label_asym_id'            
23 5 'Structure model' '_struct_conn.ptnr1_label_atom_id'            
24 5 'Structure model' '_struct_conn.ptnr1_label_comp_id'            
25 5 'Structure model' '_struct_conn.ptnr1_label_seq_id'             
26 5 'Structure model' '_struct_conn.ptnr2_auth_comp_id'             
27 5 'Structure model' '_struct_conn.ptnr2_auth_seq_id'              
28 5 'Structure model' '_struct_conn.ptnr2_label_asym_id'            
29 5 'Structure model' '_struct_conn.ptnr2_label_atom_id'            
30 5 'Structure model' '_struct_conn.ptnr2_label_comp_id'            
31 5 'Structure model' '_struct_conn.ptnr2_label_seq_id'             
32 5 'Structure model' '_struct_site.pdbx_auth_asym_id'              
33 5 'Structure model' '_struct_site.pdbx_auth_comp_id'              
34 5 'Structure model' '_struct_site.pdbx_auth_seq_id'               
# 
_pdbx_database_status.status_code                     REL 
_pdbx_database_status.entry_id                        1QJK 
_pdbx_database_status.deposit_site                    PDBE 
_pdbx_database_status.process_site                    PDBE 
_pdbx_database_status.SG_entry                        . 
_pdbx_database_status.recvd_initial_deposition_date   1999-06-24 
_pdbx_database_status.pdb_format_compatible           Y 
_pdbx_database_status.status_code_sf                  ? 
_pdbx_database_status.status_code_mr                  REL 
_pdbx_database_status.status_code_cs                  ? 
_pdbx_database_status.methods_development_category    ? 
_pdbx_database_status.status_code_nmr_data            ? 
# 
loop_
_pdbx_database_related.db_name 
_pdbx_database_related.db_id 
_pdbx_database_related.content_type 
_pdbx_database_related.details 
PDB 4MT2 unspecified .                                                                      
PDB 1QJL unspecified 'THE NMR CHEMICAL SHIFTS ARE DEPOSITED WITH THE BIOMAGRESBANK (BMRB).' 
# 
loop_
_audit_author.name 
_audit_author.pdbx_ordinal 
'Riek, R.'      1 
'Precheur, B.'  2 
'Wang, Y.'      3 
'Mackay, E.A.'  4 
'Wider, G.'     5 
'Guntert, P.'   6 
'Liu, A.'       7 
'Kaegi, J.H.R.' 8 
'Wuthrich, K.'  9 
# 
loop_
_citation.id 
_citation.title 
_citation.journal_abbrev 
_citation.journal_volume 
_citation.page_first 
_citation.page_last 
_citation.year 
_citation.journal_id_ASTM 
_citation.country 
_citation.journal_id_ISSN 
_citation.journal_id_CSD 
_citation.book_publisher 
_citation.pdbx_database_id_PubMed 
_citation.pdbx_database_id_DOI 
primary 'NMR structure of the sea urchin (Strongylocentrotus purpuratus) metallothionein MTA.' 'J. Mol. Biol.' 291 417 428 1999 
JMOBAK UK 0022-2836 0070 ? 10438629 10.1006/jmbi.1999.2967         
1       
'Three-Dimensional Structure of Human [113Cd7]-Metallothionein-2 in Solution Determined by Nuclear Magnetic Resonance Spectroscopy' 
J.Mol.Biol.     214 765 ?   1990 JMOBAK UK 0022-2836 0070 ? 2388267  '10.1016/0022-2836(90)90291-S' 
# 
loop_
_citation_author.citation_id 
_citation_author.name 
_citation_author.ordinal 
_citation_author.identifier_ORCID 
primary 'Riek, R.'       1  ? 
primary 'Precheur, B.'   2  ? 
primary 'Wang, Y.'       3  ? 
primary 'Mackay, E.A.'   4  ? 
primary 'Wider, G.'      5  ? 
primary 'Guntert, P.'    6  ? 
primary 'Liu, A.'        7  ? 
primary 'Kagi, J.H.'     8  ? 
primary 'Wuthrich, K.'   9  ? 
1       'Messerle, B.A.' 10 ? 
1       'Schaffer, A.'   11 ? 
1       'Vasak, M.'      12 ? 
1       'Kaegi, J.H.R.'  13 ? 
1       'Wuthrich, K.'   14 ? 
# 
loop_
_entity.id 
_entity.type 
_entity.src_method 
_entity.pdbx_description 
_entity.formula_weight 
_entity.pdbx_number_of_molecules 
_entity.pdbx_ec 
_entity.pdbx_mutation 
_entity.pdbx_fragment 
_entity.details 
1 polymer     man METALLOTHIONEIN 3715.345 1 ? ? 'ALPHA DOMAIN' 'CADMIUM 4-METAL CLUSTER' 
2 non-polymer syn 'CADMIUM ION'   112.411  4 ? ? ?              ?                         
# 
_entity_poly.entity_id                      1 
_entity_poly.type                           'polypeptide(L)' 
_entity_poly.nstd_linkage                   no 
_entity_poly.nstd_monomer                   no 
_entity_poly.pdbx_seq_one_letter_code       PDVKCVCCTEGKECACFGQDCCVTGECCKDGTCCGI 
_entity_poly.pdbx_seq_one_letter_code_can   PDVKCVCCTEGKECACFGQDCCVTGECCKDGTCCGI 
_entity_poly.pdbx_strand_id                 A 
_entity_poly.pdbx_target_identifier         ? 
# 
_pdbx_entity_nonpoly.entity_id   2 
_pdbx_entity_nonpoly.name        'CADMIUM ION' 
_pdbx_entity_nonpoly.comp_id     CD 
# 
loop_
_entity_poly_seq.entity_id 
_entity_poly_seq.num 
_entity_poly_seq.mon_id 
_entity_poly_seq.hetero 
1 1  PRO n 
1 2  ASP n 
1 3  VAL n 
1 4  LYS n 
1 5  CYS n 
1 6  VAL n 
1 7  CYS n 
1 8  CYS n 
1 9  THR n 
1 10 GLU n 
1 11 GLY n 
1 12 LYS n 
1 13 GLU n 
1 14 CYS n 
1 15 ALA n 
1 16 CYS n 
1 17 PHE n 
1 18 GLY n 
1 19 GLN n 
1 20 ASP n 
1 21 CYS n 
1 22 CYS n 
1 23 VAL n 
1 24 THR n 
1 25 GLY n 
1 26 GLU n 
1 27 CYS n 
1 28 CYS n 
1 29 LYS n 
1 30 ASP n 
1 31 GLY n 
1 32 THR n 
1 33 CYS n 
1 34 CYS n 
1 35 GLY n 
1 36 ILE n 
# 
_entity_src_gen.entity_id                          1 
_entity_src_gen.pdbx_src_id                        1 
_entity_src_gen.pdbx_alt_source_flag               sample 
_entity_src_gen.pdbx_seq_type                      ? 
_entity_src_gen.pdbx_beg_seq_num                   ? 
_entity_src_gen.pdbx_end_seq_num                   ? 
_entity_src_gen.gene_src_common_name               'PURPLE SEA URCHIN' 
_entity_src_gen.gene_src_genus                     ? 
_entity_src_gen.pdbx_gene_src_gene                 ? 
_entity_src_gen.gene_src_species                   ? 
_entity_src_gen.gene_src_strain                    ? 
_entity_src_gen.gene_src_tissue                    ? 
_entity_src_gen.gene_src_tissue_fraction           ? 
_entity_src_gen.gene_src_details                   ? 
_entity_src_gen.pdbx_gene_src_fragment             ? 
_entity_src_gen.pdbx_gene_src_scientific_name      'STRONGYLOCENTROTUS PURPURATUS' 
_entity_src_gen.pdbx_gene_src_ncbi_taxonomy_id     7668 
_entity_src_gen.pdbx_gene_src_variant              ? 
_entity_src_gen.pdbx_gene_src_cell_line            ? 
_entity_src_gen.pdbx_gene_src_atcc                 ? 
_entity_src_gen.pdbx_gene_src_organ                ? 
_entity_src_gen.pdbx_gene_src_organelle            ? 
_entity_src_gen.pdbx_gene_src_cell                 ? 
_entity_src_gen.pdbx_gene_src_cellular_location    ? 
_entity_src_gen.host_org_common_name               ? 
_entity_src_gen.pdbx_host_org_scientific_name      'ESCHERICHIA COLI' 
_entity_src_gen.pdbx_host_org_ncbi_taxonomy_id     469008 
_entity_src_gen.host_org_genus                     ? 
_entity_src_gen.pdbx_host_org_gene                 ? 
_entity_src_gen.pdbx_host_org_organ                ? 
_entity_src_gen.host_org_species                   ? 
_entity_src_gen.pdbx_host_org_tissue               ? 
_entity_src_gen.pdbx_host_org_tissue_fraction      ? 
_entity_src_gen.pdbx_host_org_strain               'BL21(DE3)' 
_entity_src_gen.pdbx_host_org_variant              ? 
_entity_src_gen.pdbx_host_org_cell_line            ? 
_entity_src_gen.pdbx_host_org_atcc                 ? 
_entity_src_gen.pdbx_host_org_culture_collection   ? 
_entity_src_gen.pdbx_host_org_cell                 ? 
_entity_src_gen.pdbx_host_org_organelle            ? 
_entity_src_gen.pdbx_host_org_cellular_location    ? 
_entity_src_gen.pdbx_host_org_vector_type          ? 
_entity_src_gen.pdbx_host_org_vector               ? 
_entity_src_gen.host_org_details                   ? 
_entity_src_gen.expression_system_id               ? 
_entity_src_gen.plasmid_name                       ? 
_entity_src_gen.plasmid_details                    ? 
_entity_src_gen.pdbx_description                   ? 
# 
loop_
_chem_comp.id 
_chem_comp.type 
_chem_comp.mon_nstd_flag 
_chem_comp.name 
_chem_comp.pdbx_synonyms 
_chem_comp.formula 
_chem_comp.formula_weight 
ALA 'L-peptide linking' y ALANINE         ? 'C3 H7 N O2'     89.093  
ASP 'L-peptide linking' y 'ASPARTIC ACID' ? 'C4 H7 N O4'     133.103 
CD  non-polymer         . 'CADMIUM ION'   ? 'Cd 2'           112.411 
CYS 'L-peptide linking' y CYSTEINE        ? 'C3 H7 N O2 S'   121.158 
GLN 'L-peptide linking' y GLUTAMINE       ? 'C5 H10 N2 O3'   146.144 
GLU 'L-peptide linking' y 'GLUTAMIC ACID' ? 'C5 H9 N O4'     147.129 
GLY 'peptide linking'   y GLYCINE         ? 'C2 H5 N O2'     75.067  
ILE 'L-peptide linking' y ISOLEUCINE      ? 'C6 H13 N O2'    131.173 
LYS 'L-peptide linking' y LYSINE          ? 'C6 H15 N2 O2 1' 147.195 
PHE 'L-peptide linking' y PHENYLALANINE   ? 'C9 H11 N O2'    165.189 
PRO 'L-peptide linking' y PROLINE         ? 'C5 H9 N O2'     115.130 
THR 'L-peptide linking' y THREONINE       ? 'C4 H9 N O3'     119.119 
VAL 'L-peptide linking' y VALINE          ? 'C5 H11 N O2'    117.146 
# 
loop_
_pdbx_poly_seq_scheme.asym_id 
_pdbx_poly_seq_scheme.entity_id 
_pdbx_poly_seq_scheme.seq_id 
_pdbx_poly_seq_scheme.mon_id 
_pdbx_poly_seq_scheme.ndb_seq_num 
_pdbx_poly_seq_scheme.pdb_seq_num 
_pdbx_poly_seq_scheme.auth_seq_num 
_pdbx_poly_seq_scheme.pdb_mon_id 
_pdbx_poly_seq_scheme.auth_mon_id 
_pdbx_poly_seq_scheme.pdb_strand_id 
_pdbx_poly_seq_scheme.pdb_ins_code 
_pdbx_poly_seq_scheme.hetero 
A 1 1  PRO 1  2  2  PRO PRO A . n 
A 1 2  ASP 2  3  3  ASP ASP A . n 
A 1 3  VAL 3  4  4  VAL VAL A . n 
A 1 4  LYS 4  5  5  LYS LYS A . n 
A 1 5  CYS 5  6  6  CYS CYS A . n 
A 1 6  VAL 6  7  7  VAL VAL A . n 
A 1 7  CYS 7  8  8  CYS CYS A . n 
A 1 8  CYS 8  9  9  CYS CYS A . n 
A 1 9  THR 9  10 10 THR THR A . n 
A 1 10 GLU 10 11 11 GLU GLU A . n 
A 1 11 GLY 11 12 12 GLY GLY A . n 
A 1 12 LYS 12 13 13 LYS LYS A . n 
A 1 13 GLU 13 14 14 GLU GLU A . n 
A 1 14 CYS 14 15 15 CYS CYS A . n 
A 1 15 ALA 15 16 16 ALA ALA A . n 
A 1 16 CYS 16 17 17 CYS CYS A . n 
A 1 17 PHE 17 18 18 PHE PHE A . n 
A 1 18 GLY 18 19 19 GLY GLY A . n 
A 1 19 GLN 19 20 20 GLN GLN A . n 
A 1 20 ASP 20 21 21 ASP ASP A . n 
A 1 21 CYS 21 22 22 CYS CYS A . n 
A 1 22 CYS 22 23 23 CYS CYS A . n 
A 1 23 VAL 23 24 24 VAL VAL A . n 
A 1 24 THR 24 25 25 THR THR A . n 
A 1 25 GLY 25 26 26 GLY GLY A . n 
A 1 26 GLU 26 27 27 GLU GLU A . n 
A 1 27 CYS 27 28 28 CYS CYS A . n 
A 1 28 CYS 28 29 29 CYS CYS A . n 
A 1 29 LYS 29 30 30 LYS LYS A . n 
A 1 30 ASP 30 31 31 ASP ASP A . n 
A 1 31 GLY 31 32 32 GLY GLY A . n 
A 1 32 THR 32 33 33 THR THR A . n 
A 1 33 CYS 33 34 34 CYS CYS A . n 
A 1 34 CYS 34 35 35 CYS CYS A . n 
A 1 35 GLY 35 36 36 GLY GLY A . n 
A 1 36 ILE 36 37 37 ILE ILE A . n 
# 
loop_
_pdbx_nonpoly_scheme.asym_id 
_pdbx_nonpoly_scheme.entity_id 
_pdbx_nonpoly_scheme.mon_id 
_pdbx_nonpoly_scheme.ndb_seq_num 
_pdbx_nonpoly_scheme.pdb_seq_num 
_pdbx_nonpoly_scheme.auth_seq_num 
_pdbx_nonpoly_scheme.pdb_mon_id 
_pdbx_nonpoly_scheme.auth_mon_id 
_pdbx_nonpoly_scheme.pdb_strand_id 
_pdbx_nonpoly_scheme.pdb_ins_code 
B 2 CD 1 104 104 CD CD A . 
C 2 CD 1 105 105 CD CD A . 
D 2 CD 1 106 106 CD CD A . 
E 2 CD 1 107 107 CD CD A . 
# 
_cell.entry_id           1QJK 
_cell.length_a           1.000 
_cell.length_b           1.000 
_cell.length_c           1.000 
_cell.angle_alpha        90.00 
_cell.angle_beta         90.00 
_cell.angle_gamma        90.00 
_cell.Z_PDB              1 
_cell.pdbx_unique_axis   ? 
# 
_symmetry.entry_id                         1QJK 
_symmetry.space_group_name_H-M             'P 1' 
_symmetry.pdbx_full_space_group_name_H-M   ? 
_symmetry.cell_setting                     ? 
_symmetry.Int_Tables_number                1 
# 
_exptl.entry_id          1QJK 
_exptl.method            'SOLUTION NMR' 
_exptl.crystals_number   ? 
# 
_struct.entry_id                  1QJK 
_struct.title                     'Metallothionein MTA from sea urchin (alpha domain)' 
_struct.pdbx_model_details        ? 
_struct.pdbx_CASP_flag            ? 
_struct.pdbx_model_type_details   'MINIMIZED AVERAGE' 
# 
_struct_keywords.entry_id        1QJK 
_struct_keywords.pdbx_keywords   METALLOTHIONEIN 
_struct_keywords.text            'METALLOTHIONEIN, METAL-BINDING, DETOXIFICATION, RADICAL SCAVENGER' 
# 
loop_
_struct_asym.id 
_struct_asym.pdbx_blank_PDB_chainid_flag 
_struct_asym.pdbx_modified 
_struct_asym.entity_id 
_struct_asym.details 
A N N 1 ? 
B N N 2 ? 
C N N 2 ? 
D N N 2 ? 
E N N 2 ? 
# 
_struct_ref.id                         1 
_struct_ref.db_name                    UNP 
_struct_ref.db_code                    MTA_STRPU 
_struct_ref.entity_id                  1 
_struct_ref.pdbx_seq_one_letter_code   ? 
_struct_ref.pdbx_align_begin           ? 
_struct_ref.pdbx_db_accession          P04734 
_struct_ref.pdbx_db_isoform            ? 
# 
_struct_ref_seq.align_id                      1 
_struct_ref_seq.ref_id                        1 
_struct_ref_seq.pdbx_PDB_id_code              1QJK 
_struct_ref_seq.pdbx_strand_id                A 
_struct_ref_seq.seq_align_beg                 1 
_struct_ref_seq.pdbx_seq_align_beg_ins_code   ? 
_struct_ref_seq.seq_align_end                 36 
_struct_ref_seq.pdbx_seq_align_end_ins_code   ? 
_struct_ref_seq.pdbx_db_accession             P04734 
_struct_ref_seq.db_align_beg                  2 
_struct_ref_seq.pdbx_db_align_beg_ins_code    ? 
_struct_ref_seq.db_align_end                  37 
_struct_ref_seq.pdbx_db_align_end_ins_code    ? 
_struct_ref_seq.pdbx_auth_seq_align_beg       2 
_struct_ref_seq.pdbx_auth_seq_align_end       37 
# 
loop_
_struct_ref_seq_dif.align_id 
_struct_ref_seq_dif.pdbx_pdb_id_code 
_struct_ref_seq_dif.mon_id 
_struct_ref_seq_dif.pdbx_pdb_strand_id 
_struct_ref_seq_dif.seq_num 
_struct_ref_seq_dif.pdbx_pdb_ins_code 
_struct_ref_seq_dif.pdbx_seq_db_name 
_struct_ref_seq_dif.pdbx_seq_db_accession_code 
_struct_ref_seq_dif.db_mon_id 
_struct_ref_seq_dif.pdbx_seq_db_seq_num 
_struct_ref_seq_dif.details 
_struct_ref_seq_dif.pdbx_auth_seq_num 
_struct_ref_seq_dif.pdbx_ordinal 
1 1QJK THR A 9  ? UNP P04734 LYS 10 conflict 10 1 
1 1QJK VAL A 23 ? UNP P04734 LYS 24 conflict 24 2 
# 
_pdbx_struct_assembly.id                   1 
_pdbx_struct_assembly.details              author_defined_assembly 
_pdbx_struct_assembly.method_details       ? 
_pdbx_struct_assembly.oligomeric_details   monomeric 
_pdbx_struct_assembly.oligomeric_count     1 
# 
_pdbx_struct_assembly_gen.assembly_id       1 
_pdbx_struct_assembly_gen.oper_expression   1 
_pdbx_struct_assembly_gen.asym_id_list      A,B,C,D,E 
# 
_pdbx_struct_oper_list.id                   1 
_pdbx_struct_oper_list.type                 'identity operation' 
_pdbx_struct_oper_list.name                 1_555 
_pdbx_struct_oper_list.symmetry_operation   x,y,z 
_pdbx_struct_oper_list.matrix[1][1]         1.0000000000 
_pdbx_struct_oper_list.matrix[1][2]         0.0000000000 
_pdbx_struct_oper_list.matrix[1][3]         0.0000000000 
_pdbx_struct_oper_list.vector[1]            0.0000000000 
_pdbx_struct_oper_list.matrix[2][1]         0.0000000000 
_pdbx_struct_oper_list.matrix[2][2]         1.0000000000 
_pdbx_struct_oper_list.matrix[2][3]         0.0000000000 
_pdbx_struct_oper_list.vector[2]            0.0000000000 
_pdbx_struct_oper_list.matrix[3][1]         0.0000000000 
_pdbx_struct_oper_list.matrix[3][2]         0.0000000000 
_pdbx_struct_oper_list.matrix[3][3]         1.0000000000 
_pdbx_struct_oper_list.vector[3]            0.0000000000 
# 
loop_
_struct_conf.conf_type_id 
_struct_conf.id 
_struct_conf.pdbx_PDB_helix_id 
_struct_conf.beg_label_comp_id 
_struct_conf.beg_label_asym_id 
_struct_conf.beg_label_seq_id 
_struct_conf.pdbx_beg_PDB_ins_code 
_struct_conf.end_label_comp_id 
_struct_conf.end_label_asym_id 
_struct_conf.end_label_seq_id 
_struct_conf.pdbx_end_PDB_ins_code 
_struct_conf.beg_auth_comp_id 
_struct_conf.beg_auth_asym_id 
_struct_conf.beg_auth_seq_id 
_struct_conf.end_auth_comp_id 
_struct_conf.end_auth_asym_id 
_struct_conf.end_auth_seq_id 
_struct_conf.pdbx_PDB_helix_class 
_struct_conf.details 
_struct_conf.pdbx_PDB_helix_length 
HELX_P HELX_P1 1 CYS A 5  ? GLY A 11 ? CYS A 6  GLY A 12 1 ? 7 
HELX_P HELX_P2 2 ASP A 20 ? GLY A 25 ? ASP A 21 GLY A 26 1 ? 6 
# 
_struct_conf_type.id          HELX_P 
_struct_conf_type.criteria    ? 
_struct_conf_type.reference   ? 
# 
loop_
_struct_conn.id 
_struct_conn.conn_type_id 
_struct_conn.pdbx_leaving_atom_flag 
_struct_conn.pdbx_PDB_id 
_struct_conn.ptnr1_label_asym_id 
_struct_conn.ptnr1_label_comp_id 
_struct_conn.ptnr1_label_seq_id 
_struct_conn.ptnr1_label_atom_id 
_struct_conn.pdbx_ptnr1_label_alt_id 
_struct_conn.pdbx_ptnr1_PDB_ins_code 
_struct_conn.pdbx_ptnr1_standard_comp_id 
_struct_conn.ptnr1_symmetry 
_struct_conn.ptnr2_label_asym_id 
_struct_conn.ptnr2_label_comp_id 
_struct_conn.ptnr2_label_seq_id 
_struct_conn.ptnr2_label_atom_id 
_struct_conn.pdbx_ptnr2_label_alt_id 
_struct_conn.pdbx_ptnr2_PDB_ins_code 
_struct_conn.ptnr1_auth_asym_id 
_struct_conn.ptnr1_auth_comp_id 
_struct_conn.ptnr1_auth_seq_id 
_struct_conn.ptnr2_auth_asym_id 
_struct_conn.ptnr2_auth_comp_id 
_struct_conn.ptnr2_auth_seq_id 
_struct_conn.ptnr2_symmetry 
_struct_conn.pdbx_ptnr3_label_atom_id 
_struct_conn.pdbx_ptnr3_label_seq_id 
_struct_conn.pdbx_ptnr3_label_comp_id 
_struct_conn.pdbx_ptnr3_label_asym_id 
_struct_conn.pdbx_ptnr3_label_alt_id 
_struct_conn.pdbx_ptnr3_PDB_ins_code 
_struct_conn.details 
_struct_conn.pdbx_dist_value 
_struct_conn.pdbx_value_order 
_struct_conn.pdbx_role 
metalc1  metalc ? ? A CYS 5  SG ? ? ? 1_555 B CD . CD ? ? A CYS 6  A CD 104 1_555 ? ? ? ? ? ? ? 2.653 ? ? 
metalc2  metalc ? ? A CYS 5  SG ? ? ? 1_555 D CD . CD ? ? A CYS 6  A CD 106 1_555 ? ? ? ? ? ? ? 2.583 ? ? 
metalc3  metalc ? ? A CYS 7  SG ? ? ? 1_555 E CD . CD ? ? A CYS 8  A CD 107 1_555 ? ? ? ? ? ? ? 2.600 ? ? 
metalc4  metalc ? ? A CYS 8  SG ? ? ? 1_555 D CD . CD ? ? A CYS 9  A CD 106 1_555 ? ? ? ? ? ? ? 2.601 ? ? 
metalc5  metalc ? ? A CYS 14 SG ? ? ? 1_555 D CD . CD ? ? A CYS 15 A CD 106 1_555 ? ? ? ? ? ? ? 2.682 ? ? 
metalc6  metalc ? ? A CYS 14 SG ? ? ? 1_555 E CD . CD ? ? A CYS 15 A CD 107 1_555 ? ? ? ? ? ? ? 2.643 ? ? 
metalc7  metalc ? ? A CYS 16 SG ? ? ? 1_555 C CD . CD ? ? A CYS 17 A CD 105 1_555 ? ? ? ? ? ? ? 2.600 ? ? 
metalc8  metalc ? ? A CYS 21 SG ? ? ? 1_555 C CD . CD ? ? A CYS 22 A CD 105 1_555 ? ? ? ? ? ? ? 2.525 ? ? 
metalc9  metalc ? ? A CYS 22 SG ? ? ? 1_555 C CD . CD ? ? A CYS 23 A CD 105 1_555 ? ? ? ? ? ? ? 2.641 ? ? 
metalc10 metalc ? ? A CYS 22 SG ? ? ? 1_555 D CD . CD ? ? A CYS 23 A CD 106 1_555 ? ? ? ? ? ? ? 2.600 ? ? 
metalc11 metalc ? ? A CYS 27 SG ? ? ? 1_555 B CD . CD ? ? A CYS 28 A CD 104 1_555 ? ? ? ? ? ? ? 2.485 ? ? 
metalc12 metalc ? ? A CYS 27 O  ? ? ? 1_555 B CD . CD ? ? A CYS 28 A CD 104 1_555 ? ? ? ? ? ? ? 3.111 ? ? 
metalc13 metalc ? ? A CYS 27 SG ? ? ? 1_555 C CD . CD ? ? A CYS 28 A CD 105 1_555 ? ? ? ? ? ? ? 2.603 ? ? 
metalc14 metalc ? ? A CYS 28 SG ? ? ? 1_555 B CD . CD ? ? A CYS 29 A CD 104 1_555 ? ? ? ? ? ? ? 2.600 ? ? 
metalc15 metalc ? ? A CYS 33 SG ? ? ? 1_555 B CD . CD ? ? A CYS 34 A CD 104 1_555 ? ? ? ? ? ? ? 2.607 ? ? 
metalc16 metalc ? ? A CYS 33 SG ? ? ? 1_555 E CD . CD ? ? A CYS 34 A CD 107 1_555 ? ? ? ? ? ? ? 2.726 ? ? 
metalc17 metalc ? ? A CYS 34 SG ? ? ? 1_555 E CD . CD ? ? A CYS 35 A CD 107 1_555 ? ? ? ? ? ? ? 2.502 ? ? 
# 
_struct_conn_type.id          metalc 
_struct_conn_type.criteria    ? 
_struct_conn_type.reference   ? 
# 
loop_
_pdbx_struct_conn_angle.id 
_pdbx_struct_conn_angle.ptnr1_label_atom_id 
_pdbx_struct_conn_angle.ptnr1_label_alt_id 
_pdbx_struct_conn_angle.ptnr1_label_asym_id 
_pdbx_struct_conn_angle.ptnr1_label_comp_id 
_pdbx_struct_conn_angle.ptnr1_label_seq_id 
_pdbx_struct_conn_angle.ptnr1_auth_atom_id 
_pdbx_struct_conn_angle.ptnr1_auth_asym_id 
_pdbx_struct_conn_angle.ptnr1_auth_comp_id 
_pdbx_struct_conn_angle.ptnr1_auth_seq_id 
_pdbx_struct_conn_angle.ptnr1_PDB_ins_code 
_pdbx_struct_conn_angle.ptnr1_symmetry 
_pdbx_struct_conn_angle.ptnr2_label_atom_id 
_pdbx_struct_conn_angle.ptnr2_label_alt_id 
_pdbx_struct_conn_angle.ptnr2_label_asym_id 
_pdbx_struct_conn_angle.ptnr2_label_comp_id 
_pdbx_struct_conn_angle.ptnr2_label_seq_id 
_pdbx_struct_conn_angle.ptnr2_auth_atom_id 
_pdbx_struct_conn_angle.ptnr2_auth_asym_id 
_pdbx_struct_conn_angle.ptnr2_auth_comp_id 
_pdbx_struct_conn_angle.ptnr2_auth_seq_id 
_pdbx_struct_conn_angle.ptnr2_PDB_ins_code 
_pdbx_struct_conn_angle.ptnr2_symmetry 
_pdbx_struct_conn_angle.ptnr3_label_atom_id 
_pdbx_struct_conn_angle.ptnr3_label_alt_id 
_pdbx_struct_conn_angle.ptnr3_label_asym_id 
_pdbx_struct_conn_angle.ptnr3_label_comp_id 
_pdbx_struct_conn_angle.ptnr3_label_seq_id 
_pdbx_struct_conn_angle.ptnr3_auth_atom_id 
_pdbx_struct_conn_angle.ptnr3_auth_asym_id 
_pdbx_struct_conn_angle.ptnr3_auth_comp_id 
_pdbx_struct_conn_angle.ptnr3_auth_seq_id 
_pdbx_struct_conn_angle.ptnr3_PDB_ins_code 
_pdbx_struct_conn_angle.ptnr3_symmetry 
_pdbx_struct_conn_angle.value 
_pdbx_struct_conn_angle.value_esd 
1  SG ? A CYS 5  ? A CYS 6  ? 1_555 CD ? B CD . ? A CD 104 ? 1_555 SG ? A CYS 27 ? A CYS 28 ? 1_555 103.3 ? 
2  SG ? A CYS 5  ? A CYS 6  ? 1_555 CD ? B CD . ? A CD 104 ? 1_555 O  ? A CYS 27 ? A CYS 28 ? 1_555 165.1 ? 
3  SG ? A CYS 27 ? A CYS 28 ? 1_555 CD ? B CD . ? A CD 104 ? 1_555 O  ? A CYS 27 ? A CYS 28 ? 1_555 77.9  ? 
4  SG ? A CYS 5  ? A CYS 6  ? 1_555 CD ? B CD . ? A CD 104 ? 1_555 SG ? A CYS 28 ? A CYS 29 ? 1_555 100.2 ? 
5  SG ? A CYS 27 ? A CYS 28 ? 1_555 CD ? B CD . ? A CD 104 ? 1_555 SG ? A CYS 28 ? A CYS 29 ? 1_555 127.4 ? 
6  O  ? A CYS 27 ? A CYS 28 ? 1_555 CD ? B CD . ? A CD 104 ? 1_555 SG ? A CYS 28 ? A CYS 29 ? 1_555 68.6  ? 
7  SG ? A CYS 5  ? A CYS 6  ? 1_555 CD ? B CD . ? A CD 104 ? 1_555 SG ? A CYS 33 ? A CYS 34 ? 1_555 117.3 ? 
8  SG ? A CYS 27 ? A CYS 28 ? 1_555 CD ? B CD . ? A CD 104 ? 1_555 SG ? A CYS 33 ? A CYS 34 ? 1_555 108.1 ? 
9  O  ? A CYS 27 ? A CYS 28 ? 1_555 CD ? B CD . ? A CD 104 ? 1_555 SG ? A CYS 33 ? A CYS 34 ? 1_555 75.6  ? 
10 SG ? A CYS 28 ? A CYS 29 ? 1_555 CD ? B CD . ? A CD 104 ? 1_555 SG ? A CYS 33 ? A CYS 34 ? 1_555 101.5 ? 
11 SG ? A CYS 5  ? A CYS 6  ? 1_555 CD ? D CD . ? A CD 106 ? 1_555 SG ? A CYS 8  ? A CYS 9  ? 1_555 120.6 ? 
12 SG ? A CYS 5  ? A CYS 6  ? 1_555 CD ? D CD . ? A CD 106 ? 1_555 SG ? A CYS 14 ? A CYS 15 ? 1_555 117.9 ? 
13 SG ? A CYS 8  ? A CYS 9  ? 1_555 CD ? D CD . ? A CD 106 ? 1_555 SG ? A CYS 14 ? A CYS 15 ? 1_555 99.3  ? 
14 SG ? A CYS 5  ? A CYS 6  ? 1_555 CD ? D CD . ? A CD 106 ? 1_555 SG ? A CYS 22 ? A CYS 23 ? 1_555 104.1 ? 
15 SG ? A CYS 8  ? A CYS 9  ? 1_555 CD ? D CD . ? A CD 106 ? 1_555 SG ? A CYS 22 ? A CYS 23 ? 1_555 104.5 ? 
16 SG ? A CYS 14 ? A CYS 15 ? 1_555 CD ? D CD . ? A CD 106 ? 1_555 SG ? A CYS 22 ? A CYS 23 ? 1_555 109.7 ? 
17 SG ? A CYS 7  ? A CYS 8  ? 1_555 CD ? E CD . ? A CD 107 ? 1_555 SG ? A CYS 14 ? A CYS 15 ? 1_555 99.2  ? 
18 SG ? A CYS 7  ? A CYS 8  ? 1_555 CD ? E CD . ? A CD 107 ? 1_555 SG ? A CYS 33 ? A CYS 34 ? 1_555 98.0  ? 
19 SG ? A CYS 14 ? A CYS 15 ? 1_555 CD ? E CD . ? A CD 107 ? 1_555 SG ? A CYS 33 ? A CYS 34 ? 1_555 97.7  ? 
20 SG ? A CYS 7  ? A CYS 8  ? 1_555 CD ? E CD . ? A CD 107 ? 1_555 SG ? A CYS 34 ? A CYS 35 ? 1_555 123.0 ? 
21 SG ? A CYS 14 ? A CYS 15 ? 1_555 CD ? E CD . ? A CD 107 ? 1_555 SG ? A CYS 34 ? A CYS 35 ? 1_555 114.7 ? 
22 SG ? A CYS 33 ? A CYS 34 ? 1_555 CD ? E CD . ? A CD 107 ? 1_555 SG ? A CYS 34 ? A CYS 35 ? 1_555 119.5 ? 
23 SG ? A CYS 16 ? A CYS 17 ? 1_555 CD ? C CD . ? A CD 105 ? 1_555 SG ? A CYS 21 ? A CYS 22 ? 1_555 104.3 ? 
24 SG ? A CYS 16 ? A CYS 17 ? 1_555 CD ? C CD . ? A CD 105 ? 1_555 SG ? A CYS 22 ? A CYS 23 ? 1_555 101.2 ? 
25 SG ? A CYS 21 ? A CYS 22 ? 1_555 CD ? C CD . ? A CD 105 ? 1_555 SG ? A CYS 22 ? A CYS 23 ? 1_555 117.9 ? 
26 SG ? A CYS 16 ? A CYS 17 ? 1_555 CD ? C CD . ? A CD 105 ? 1_555 SG ? A CYS 27 ? A CYS 28 ? 1_555 107.6 ? 
27 SG ? A CYS 21 ? A CYS 22 ? 1_555 CD ? C CD . ? A CD 105 ? 1_555 SG ? A CYS 27 ? A CYS 28 ? 1_555 115.4 ? 
28 SG ? A CYS 22 ? A CYS 23 ? 1_555 CD ? C CD . ? A CD 105 ? 1_555 SG ? A CYS 27 ? A CYS 28 ? 1_555 108.9 ? 
# 
loop_
_struct_site.id 
_struct_site.pdbx_evidence_code 
_struct_site.pdbx_auth_asym_id 
_struct_site.pdbx_auth_comp_id 
_struct_site.pdbx_auth_seq_id 
_struct_site.pdbx_auth_ins_code 
_struct_site.pdbx_num_residues 
_struct_site.details 
AC1 Software A CD 104 ? 4 'BINDING SITE FOR RESIDUE CD A 104' 
AC2 Software A CD 105 ? 4 'BINDING SITE FOR RESIDUE CD A 105' 
AC3 Software A CD 106 ? 4 'BINDING SITE FOR RESIDUE CD A 106' 
AC4 Software A CD 107 ? 5 'BINDING SITE FOR RESIDUE CD A 107' 
# 
loop_
_struct_site_gen.id 
_struct_site_gen.site_id 
_struct_site_gen.pdbx_num_res 
_struct_site_gen.label_comp_id 
_struct_site_gen.label_asym_id 
_struct_site_gen.label_seq_id 
_struct_site_gen.pdbx_auth_ins_code 
_struct_site_gen.auth_comp_id 
_struct_site_gen.auth_asym_id 
_struct_site_gen.auth_seq_id 
_struct_site_gen.label_atom_id 
_struct_site_gen.label_alt_id 
_struct_site_gen.symmetry 
_struct_site_gen.details 
1  AC1 4 CYS A 5  ? CYS A 6  . ? 1_555 ? 
2  AC1 4 CYS A 27 ? CYS A 28 . ? 1_555 ? 
3  AC1 4 CYS A 28 ? CYS A 29 . ? 1_555 ? 
4  AC1 4 CYS A 33 ? CYS A 34 . ? 1_555 ? 
5  AC2 4 CYS A 16 ? CYS A 17 . ? 1_555 ? 
6  AC2 4 CYS A 21 ? CYS A 22 . ? 1_555 ? 
7  AC2 4 CYS A 22 ? CYS A 23 . ? 1_555 ? 
8  AC2 4 CYS A 27 ? CYS A 28 . ? 1_555 ? 
9  AC3 4 CYS A 5  ? CYS A 6  . ? 1_555 ? 
10 AC3 4 CYS A 8  ? CYS A 9  . ? 1_555 ? 
11 AC3 4 CYS A 14 ? CYS A 15 . ? 1_555 ? 
12 AC3 4 CYS A 22 ? CYS A 23 . ? 1_555 ? 
13 AC4 5 CYS A 7  ? CYS A 8  . ? 1_555 ? 
14 AC4 5 GLU A 13 ? GLU A 14 . ? 1_555 ? 
15 AC4 5 CYS A 14 ? CYS A 15 . ? 1_555 ? 
16 AC4 5 CYS A 33 ? CYS A 34 . ? 1_555 ? 
17 AC4 5 CYS A 34 ? CYS A 35 . ? 1_555 ? 
# 
_pdbx_validate_close_contact.id               1 
_pdbx_validate_close_contact.PDB_model_num    1 
_pdbx_validate_close_contact.auth_atom_id_1   O 
_pdbx_validate_close_contact.auth_asym_id_1   A 
_pdbx_validate_close_contact.auth_comp_id_1   GLY 
_pdbx_validate_close_contact.auth_seq_id_1    26 
_pdbx_validate_close_contact.PDB_ins_code_1   ? 
_pdbx_validate_close_contact.label_alt_id_1   ? 
_pdbx_validate_close_contact.auth_atom_id_2   H 
_pdbx_validate_close_contact.auth_asym_id_2   A 
_pdbx_validate_close_contact.auth_comp_id_2   CYS 
_pdbx_validate_close_contact.auth_seq_id_2    29 
_pdbx_validate_close_contact.PDB_ins_code_2   ? 
_pdbx_validate_close_contact.label_alt_id_2   ? 
_pdbx_validate_close_contact.dist             1.59 
# 
loop_
_pdbx_validate_torsion.id 
_pdbx_validate_torsion.PDB_model_num 
_pdbx_validate_torsion.auth_comp_id 
_pdbx_validate_torsion.auth_asym_id 
_pdbx_validate_torsion.auth_seq_id 
_pdbx_validate_torsion.PDB_ins_code 
_pdbx_validate_torsion.label_alt_id 
_pdbx_validate_torsion.phi 
_pdbx_validate_torsion.psi 
1 1 ASP A 3  ? ? -173.31 74.72  
2 1 PHE A 18 ? ? -49.89  158.65 
3 1 CYS A 29 ? ? -143.45 34.04  
4 1 LYS A 30 ? ? -152.17 52.03  
5 1 ASP A 31 ? ? -150.91 -54.83 
6 1 CYS A 35 ? ? 60.73   155.86 
# 
_pdbx_nmr_ensemble.entry_id                             1QJK 
_pdbx_nmr_ensemble.conformers_calculated_total_number   20 
_pdbx_nmr_ensemble.conformers_submitted_total_number    1 
_pdbx_nmr_ensemble.conformer_selection_criteria         'LEAST RESTRAINT VIOLATION' 
# 
_pdbx_nmr_sample_details.solution_id      1 
_pdbx_nmr_sample_details.contents         '90% WATER/10% D2O' 
_pdbx_nmr_sample_details.solvent_system   ? 
_pdbx_nmr_sample_details.label            ? 
_pdbx_nmr_sample_details.type             ? 
_pdbx_nmr_sample_details.details          ? 
# 
_pdbx_nmr_exptl_sample_conditions.conditions_id          1 
_pdbx_nmr_exptl_sample_conditions.temperature            288 
_pdbx_nmr_exptl_sample_conditions.pressure_units         atm 
_pdbx_nmr_exptl_sample_conditions.pressure               1 
_pdbx_nmr_exptl_sample_conditions.pH                     7.0 
_pdbx_nmr_exptl_sample_conditions.ionic_strength         '50 MM NACL' 
_pdbx_nmr_exptl_sample_conditions.ionic_strength_units   ? 
_pdbx_nmr_exptl_sample_conditions.pH_units               pH 
_pdbx_nmr_exptl_sample_conditions.temperature_units      K 
_pdbx_nmr_exptl_sample_conditions.label                  ? 
# 
loop_
_pdbx_nmr_exptl.experiment_id 
_pdbx_nmr_exptl.conditions_id 
_pdbx_nmr_exptl.type 
_pdbx_nmr_exptl.solution_id 
1 1 NOESY 1 
2 1 COSY  1 
3 1 TOCSY 1 
# 
_pdbx_nmr_refine.entry_id           1QJK 
_pdbx_nmr_refine.method             'torsion angle dynamics' 
_pdbx_nmr_refine.details            ? 
_pdbx_nmr_refine.software_ordinal   1 
# 
loop_
_pdbx_nmr_software.classification 
_pdbx_nmr_software.name 
_pdbx_nmr_software.version 
_pdbx_nmr_software.authors 
_pdbx_nmr_software.ordinal 
refinement           DYANA '1.1)' GUNTERT 1 
'structure solution' DYANA ?      ?       2 
# 
loop_
_chem_comp_atom.comp_id 
_chem_comp_atom.atom_id 
_chem_comp_atom.type_symbol 
_chem_comp_atom.pdbx_aromatic_flag 
_chem_comp_atom.pdbx_stereo_config 
_chem_comp_atom.pdbx_ordinal 
ALA N    N  N N 1   
ALA CA   C  N S 2   
ALA C    C  N N 3   
ALA O    O  N N 4   
ALA CB   C  N N 5   
ALA OXT  O  N N 6   
ALA H    H  N N 7   
ALA H2   H  N N 8   
ALA HA   H  N N 9   
ALA HB1  H  N N 10  
ALA HB2  H  N N 11  
ALA HB3  H  N N 12  
ALA HXT  H  N N 13  
ASP N    N  N N 14  
ASP CA   C  N S 15  
ASP C    C  N N 16  
ASP O    O  N N 17  
ASP CB   C  N N 18  
ASP CG   C  N N 19  
ASP OD1  O  N N 20  
ASP OD2  O  N N 21  
ASP OXT  O  N N 22  
ASP H    H  N N 23  
ASP H2   H  N N 24  
ASP HA   H  N N 25  
ASP HB2  H  N N 26  
ASP HB3  H  N N 27  
ASP HD2  H  N N 28  
ASP HXT  H  N N 29  
CD  CD   CD N N 30  
CYS N    N  N N 31  
CYS CA   C  N R 32  
CYS C    C  N N 33  
CYS O    O  N N 34  
CYS CB   C  N N 35  
CYS SG   S  N N 36  
CYS OXT  O  N N 37  
CYS H    H  N N 38  
CYS H2   H  N N 39  
CYS HA   H  N N 40  
CYS HB2  H  N N 41  
CYS HB3  H  N N 42  
CYS HG   H  N N 43  
CYS HXT  H  N N 44  
GLN N    N  N N 45  
GLN CA   C  N S 46  
GLN C    C  N N 47  
GLN O    O  N N 48  
GLN CB   C  N N 49  
GLN CG   C  N N 50  
GLN CD   C  N N 51  
GLN OE1  O  N N 52  
GLN NE2  N  N N 53  
GLN OXT  O  N N 54  
GLN H    H  N N 55  
GLN H2   H  N N 56  
GLN HA   H  N N 57  
GLN HB2  H  N N 58  
GLN HB3  H  N N 59  
GLN HG2  H  N N 60  
GLN HG3  H  N N 61  
GLN HE21 H  N N 62  
GLN HE22 H  N N 63  
GLN HXT  H  N N 64  
GLU N    N  N N 65  
GLU CA   C  N S 66  
GLU C    C  N N 67  
GLU O    O  N N 68  
GLU CB   C  N N 69  
GLU CG   C  N N 70  
GLU CD   C  N N 71  
GLU OE1  O  N N 72  
GLU OE2  O  N N 73  
GLU OXT  O  N N 74  
GLU H    H  N N 75  
GLU H2   H  N N 76  
GLU HA   H  N N 77  
GLU HB2  H  N N 78  
GLU HB3  H  N N 79  
GLU HG2  H  N N 80  
GLU HG3  H  N N 81  
GLU HE2  H  N N 82  
GLU HXT  H  N N 83  
GLY N    N  N N 84  
GLY CA   C  N N 85  
GLY C    C  N N 86  
GLY O    O  N N 87  
GLY OXT  O  N N 88  
GLY H    H  N N 89  
GLY H2   H  N N 90  
GLY HA2  H  N N 91  
GLY HA3  H  N N 92  
GLY HXT  H  N N 93  
ILE N    N  N N 94  
ILE CA   C  N S 95  
ILE C    C  N N 96  
ILE O    O  N N 97  
ILE CB   C  N S 98  
ILE CG1  C  N N 99  
ILE CG2  C  N N 100 
ILE CD1  C  N N 101 
ILE OXT  O  N N 102 
ILE H    H  N N 103 
ILE H2   H  N N 104 
ILE HA   H  N N 105 
ILE HB   H  N N 106 
ILE HG12 H  N N 107 
ILE HG13 H  N N 108 
ILE HG21 H  N N 109 
ILE HG22 H  N N 110 
ILE HG23 H  N N 111 
ILE HD11 H  N N 112 
ILE HD12 H  N N 113 
ILE HD13 H  N N 114 
ILE HXT  H  N N 115 
LYS N    N  N N 116 
LYS CA   C  N S 117 
LYS C    C  N N 118 
LYS O    O  N N 119 
LYS CB   C  N N 120 
LYS CG   C  N N 121 
LYS CD   C  N N 122 
LYS CE   C  N N 123 
LYS NZ   N  N N 124 
LYS OXT  O  N N 125 
LYS H    H  N N 126 
LYS H2   H  N N 127 
LYS HA   H  N N 128 
LYS HB2  H  N N 129 
LYS HB3  H  N N 130 
LYS HG2  H  N N 131 
LYS HG3  H  N N 132 
LYS HD2  H  N N 133 
LYS HD3  H  N N 134 
LYS HE2  H  N N 135 
LYS HE3  H  N N 136 
LYS HZ1  H  N N 137 
LYS HZ2  H  N N 138 
LYS HZ3  H  N N 139 
LYS HXT  H  N N 140 
PHE N    N  N N 141 
PHE CA   C  N S 142 
PHE C    C  N N 143 
PHE O    O  N N 144 
PHE CB   C  N N 145 
PHE CG   C  Y N 146 
PHE CD1  C  Y N 147 
PHE CD2  C  Y N 148 
PHE CE1  C  Y N 149 
PHE CE2  C  Y N 150 
PHE CZ   C  Y N 151 
PHE OXT  O  N N 152 
PHE H    H  N N 153 
PHE H2   H  N N 154 
PHE HA   H  N N 155 
PHE HB2  H  N N 156 
PHE HB3  H  N N 157 
PHE HD1  H  N N 158 
PHE HD2  H  N N 159 
PHE HE1  H  N N 160 
PHE HE2  H  N N 161 
PHE HZ   H  N N 162 
PHE HXT  H  N N 163 
PRO N    N  N N 164 
PRO CA   C  N S 165 
PRO C    C  N N 166 
PRO O    O  N N 167 
PRO CB   C  N N 168 
PRO CG   C  N N 169 
PRO CD   C  N N 170 
PRO OXT  O  N N 171 
PRO H    H  N N 172 
PRO HA   H  N N 173 
PRO HB2  H  N N 174 
PRO HB3  H  N N 175 
PRO HG2  H  N N 176 
PRO HG3  H  N N 177 
PRO HD2  H  N N 178 
PRO HD3  H  N N 179 
PRO HXT  H  N N 180 
THR N    N  N N 181 
THR CA   C  N S 182 
THR C    C  N N 183 
THR O    O  N N 184 
THR CB   C  N R 185 
THR OG1  O  N N 186 
THR CG2  C  N N 187 
THR OXT  O  N N 188 
THR H    H  N N 189 
THR H2   H  N N 190 
THR HA   H  N N 191 
THR HB   H  N N 192 
THR HG1  H  N N 193 
THR HG21 H  N N 194 
THR HG22 H  N N 195 
THR HG23 H  N N 196 
THR HXT  H  N N 197 
VAL N    N  N N 198 
VAL CA   C  N S 199 
VAL C    C  N N 200 
VAL O    O  N N 201 
VAL CB   C  N N 202 
VAL CG1  C  N N 203 
VAL CG2  C  N N 204 
VAL OXT  O  N N 205 
VAL H    H  N N 206 
VAL H2   H  N N 207 
VAL HA   H  N N 208 
VAL HB   H  N N 209 
VAL HG11 H  N N 210 
VAL HG12 H  N N 211 
VAL HG13 H  N N 212 
VAL HG21 H  N N 213 
VAL HG22 H  N N 214 
VAL HG23 H  N N 215 
VAL HXT  H  N N 216 
# 
loop_
_chem_comp_bond.comp_id 
_chem_comp_bond.atom_id_1 
_chem_comp_bond.atom_id_2 
_chem_comp_bond.value_order 
_chem_comp_bond.pdbx_aromatic_flag 
_chem_comp_bond.pdbx_stereo_config 
_chem_comp_bond.pdbx_ordinal 
ALA N   CA   sing N N 1   
ALA N   H    sing N N 2   
ALA N   H2   sing N N 3   
ALA CA  C    sing N N 4   
ALA CA  CB   sing N N 5   
ALA CA  HA   sing N N 6   
ALA C   O    doub N N 7   
ALA C   OXT  sing N N 8   
ALA CB  HB1  sing N N 9   
ALA CB  HB2  sing N N 10  
ALA CB  HB3  sing N N 11  
ALA OXT HXT  sing N N 12  
ASP N   CA   sing N N 13  
ASP N   H    sing N N 14  
ASP N   H2   sing N N 15  
ASP CA  C    sing N N 16  
ASP CA  CB   sing N N 17  
ASP CA  HA   sing N N 18  
ASP C   O    doub N N 19  
ASP C   OXT  sing N N 20  
ASP CB  CG   sing N N 21  
ASP CB  HB2  sing N N 22  
ASP CB  HB3  sing N N 23  
ASP CG  OD1  doub N N 24  
ASP CG  OD2  sing N N 25  
ASP OD2 HD2  sing N N 26  
ASP OXT HXT  sing N N 27  
CYS N   CA   sing N N 28  
CYS N   H    sing N N 29  
CYS N   H2   sing N N 30  
CYS CA  C    sing N N 31  
CYS CA  CB   sing N N 32  
CYS CA  HA   sing N N 33  
CYS C   O    doub N N 34  
CYS C   OXT  sing N N 35  
CYS CB  SG   sing N N 36  
CYS CB  HB2  sing N N 37  
CYS CB  HB3  sing N N 38  
CYS SG  HG   sing N N 39  
CYS OXT HXT  sing N N 40  
GLN N   CA   sing N N 41  
GLN N   H    sing N N 42  
GLN N   H2   sing N N 43  
GLN CA  C    sing N N 44  
GLN CA  CB   sing N N 45  
GLN CA  HA   sing N N 46  
GLN C   O    doub N N 47  
GLN C   OXT  sing N N 48  
GLN CB  CG   sing N N 49  
GLN CB  HB2  sing N N 50  
GLN CB  HB3  sing N N 51  
GLN CG  CD   sing N N 52  
GLN CG  HG2  sing N N 53  
GLN CG  HG3  sing N N 54  
GLN CD  OE1  doub N N 55  
GLN CD  NE2  sing N N 56  
GLN NE2 HE21 sing N N 57  
GLN NE2 HE22 sing N N 58  
GLN OXT HXT  sing N N 59  
GLU N   CA   sing N N 60  
GLU N   H    sing N N 61  
GLU N   H2   sing N N 62  
GLU CA  C    sing N N 63  
GLU CA  CB   sing N N 64  
GLU CA  HA   sing N N 65  
GLU C   O    doub N N 66  
GLU C   OXT  sing N N 67  
GLU CB  CG   sing N N 68  
GLU CB  HB2  sing N N 69  
GLU CB  HB3  sing N N 70  
GLU CG  CD   sing N N 71  
GLU CG  HG2  sing N N 72  
GLU CG  HG3  sing N N 73  
GLU CD  OE1  doub N N 74  
GLU CD  OE2  sing N N 75  
GLU OE2 HE2  sing N N 76  
GLU OXT HXT  sing N N 77  
GLY N   CA   sing N N 78  
GLY N   H    sing N N 79  
GLY N   H2   sing N N 80  
GLY CA  C    sing N N 81  
GLY CA  HA2  sing N N 82  
GLY CA  HA3  sing N N 83  
GLY C   O    doub N N 84  
GLY C   OXT  sing N N 85  
GLY OXT HXT  sing N N 86  
ILE N   CA   sing N N 87  
ILE N   H    sing N N 88  
ILE N   H2   sing N N 89  
ILE CA  C    sing N N 90  
ILE CA  CB   sing N N 91  
ILE CA  HA   sing N N 92  
ILE C   O    doub N N 93  
ILE C   OXT  sing N N 94  
ILE CB  CG1  sing N N 95  
ILE CB  CG2  sing N N 96  
ILE CB  HB   sing N N 97  
ILE CG1 CD1  sing N N 98  
ILE CG1 HG12 sing N N 99  
ILE CG1 HG13 sing N N 100 
ILE CG2 HG21 sing N N 101 
ILE CG2 HG22 sing N N 102 
ILE CG2 HG23 sing N N 103 
ILE CD1 HD11 sing N N 104 
ILE CD1 HD12 sing N N 105 
ILE CD1 HD13 sing N N 106 
ILE OXT HXT  sing N N 107 
LYS N   CA   sing N N 108 
LYS N   H    sing N N 109 
LYS N   H2   sing N N 110 
LYS CA  C    sing N N 111 
LYS CA  CB   sing N N 112 
LYS CA  HA   sing N N 113 
LYS C   O    doub N N 114 
LYS C   OXT  sing N N 115 
LYS CB  CG   sing N N 116 
LYS CB  HB2  sing N N 117 
LYS CB  HB3  sing N N 118 
LYS CG  CD   sing N N 119 
LYS CG  HG2  sing N N 120 
LYS CG  HG3  sing N N 121 
LYS CD  CE   sing N N 122 
LYS CD  HD2  sing N N 123 
LYS CD  HD3  sing N N 124 
LYS CE  NZ   sing N N 125 
LYS CE  HE2  sing N N 126 
LYS CE  HE3  sing N N 127 
LYS NZ  HZ1  sing N N 128 
LYS NZ  HZ2  sing N N 129 
LYS NZ  HZ3  sing N N 130 
LYS OXT HXT  sing N N 131 
PHE N   CA   sing N N 132 
PHE N   H    sing N N 133 
PHE N   H2   sing N N 134 
PHE CA  C    sing N N 135 
PHE CA  CB   sing N N 136 
PHE CA  HA   sing N N 137 
PHE C   O    doub N N 138 
PHE C   OXT  sing N N 139 
PHE CB  CG   sing N N 140 
PHE CB  HB2  sing N N 141 
PHE CB  HB3  sing N N 142 
PHE CG  CD1  doub Y N 143 
PHE CG  CD2  sing Y N 144 
PHE CD1 CE1  sing Y N 145 
PHE CD1 HD1  sing N N 146 
PHE CD2 CE2  doub Y N 147 
PHE CD2 HD2  sing N N 148 
PHE CE1 CZ   doub Y N 149 
PHE CE1 HE1  sing N N 150 
PHE CE2 CZ   sing Y N 151 
PHE CE2 HE2  sing N N 152 
PHE CZ  HZ   sing N N 153 
PHE OXT HXT  sing N N 154 
PRO N   CA   sing N N 155 
PRO N   CD   sing N N 156 
PRO N   H    sing N N 157 
PRO CA  C    sing N N 158 
PRO CA  CB   sing N N 159 
PRO CA  HA   sing N N 160 
PRO C   O    doub N N 161 
PRO C   OXT  sing N N 162 
PRO CB  CG   sing N N 163 
PRO CB  HB2  sing N N 164 
PRO CB  HB3  sing N N 165 
PRO CG  CD   sing N N 166 
PRO CG  HG2  sing N N 167 
PRO CG  HG3  sing N N 168 
PRO CD  HD2  sing N N 169 
PRO CD  HD3  sing N N 170 
PRO OXT HXT  sing N N 171 
THR N   CA   sing N N 172 
THR N   H    sing N N 173 
THR N   H2   sing N N 174 
THR CA  C    sing N N 175 
THR CA  CB   sing N N 176 
THR CA  HA   sing N N 177 
THR C   O    doub N N 178 
THR C   OXT  sing N N 179 
THR CB  OG1  sing N N 180 
THR CB  CG2  sing N N 181 
THR CB  HB   sing N N 182 
THR OG1 HG1  sing N N 183 
THR CG2 HG21 sing N N 184 
THR CG2 HG22 sing N N 185 
THR CG2 HG23 sing N N 186 
THR OXT HXT  sing N N 187 
VAL N   CA   sing N N 188 
VAL N   H    sing N N 189 
VAL N   H2   sing N N 190 
VAL CA  C    sing N N 191 
VAL CA  CB   sing N N 192 
VAL CA  HA   sing N N 193 
VAL C   O    doub N N 194 
VAL C   OXT  sing N N 195 
VAL CB  CG1  sing N N 196 
VAL CB  CG2  sing N N 197 
VAL CB  HB   sing N N 198 
VAL CG1 HG11 sing N N 199 
VAL CG1 HG12 sing N N 200 
VAL CG1 HG13 sing N N 201 
VAL CG2 HG21 sing N N 202 
VAL CG2 HG22 sing N N 203 
VAL CG2 HG23 sing N N 204 
VAL OXT HXT  sing N N 205 
# 
loop_
_pdbx_nmr_spectrometer.spectrometer_id 
_pdbx_nmr_spectrometer.model 
_pdbx_nmr_spectrometer.manufacturer 
_pdbx_nmr_spectrometer.field_strength 
_pdbx_nmr_spectrometer.type 
1 UNITYPLUS Varian 750 ? 
2 AMX       Bruker 500 ? 
# 
_atom_sites.entry_id                    1QJK 
_atom_sites.fract_transf_matrix[1][1]   1.000000 
_atom_sites.fract_transf_matrix[1][2]   0.000000 
_atom_sites.fract_transf_matrix[1][3]   0.000000 
_atom_sites.fract_transf_matrix[2][1]   0.000000 
_atom_sites.fract_transf_matrix[2][2]   1.000000 
_atom_sites.fract_transf_matrix[2][3]   0.000000 
_atom_sites.fract_transf_matrix[3][1]   0.000000 
_atom_sites.fract_transf_matrix[3][2]   0.000000 
_atom_sites.fract_transf_matrix[3][3]   1.000000 
_atom_sites.fract_transf_vector[1]      0.00000 
_atom_sites.fract_transf_vector[2]      0.00000 
_atom_sites.fract_transf_vector[3]      0.00000 
# 
loop_
_atom_type.symbol 
C  
CD 
H  
N  
O  
S  
# 
loop_
_atom_site.group_PDB 
_atom_site.id 
_atom_site.type_symbol 
_atom_site.label_atom_id 
_atom_site.label_alt_id 
_atom_site.label_comp_id 
_atom_site.label_asym_id 
_atom_site.label_entity_id 
_atom_site.label_seq_id 
_atom_site.pdbx_PDB_ins_code 
_atom_site.Cartn_x 
_atom_site.Cartn_y 
_atom_site.Cartn_z 
_atom_site.occupancy 
_atom_site.B_iso_or_equiv 
_atom_site.pdbx_formal_charge 
_atom_site.auth_seq_id 
_atom_site.auth_comp_id 
_atom_site.auth_asym_id 
_atom_site.auth_atom_id 
_atom_site.pdbx_PDB_model_num 
ATOM   1   N  N    . PRO A 1 1  ? 4.467   6.027   9.817   1.00 0.00 ? 2   PRO A N    1 
ATOM   2   C  CA   . PRO A 1 1  ? 4.471   5.025   10.869  1.00 0.00 ? 2   PRO A CA   1 
ATOM   3   C  C    . PRO A 1 1  ? 3.061   4.805   11.422  1.00 0.00 ? 2   PRO A C    1 
ATOM   4   O  O    . PRO A 1 1  ? 2.870   4.744   12.636  1.00 0.00 ? 2   PRO A O    1 
ATOM   5   C  CB   . PRO A 1 1  ? 5.442   5.552   11.912  1.00 0.00 ? 2   PRO A CB   1 
ATOM   6   C  CG   . PRO A 1 1  ? 5.592   7.038   11.629  1.00 0.00 ? 2   PRO A CG   1 
ATOM   7   C  CD   . PRO A 1 1  ? 5.011   7.310   10.250  1.00 0.00 ? 2   PRO A CD   1 
ATOM   8   H  HA   . PRO A 1 1  ? 4.762   4.140   10.505  1.00 0.00 ? 2   PRO A HA   1 
ATOM   9   H  HB2  . PRO A 1 1  ? 5.065   5.382   12.920  1.00 0.00 ? 2   PRO A HB2  1 
ATOM   10  H  HB3  . PRO A 1 1  ? 6.404   5.043   11.843  1.00 0.00 ? 2   PRO A HB3  1 
ATOM   11  H  HG2  . PRO A 1 1  ? 5.072   7.625   12.385  1.00 0.00 ? 2   PRO A HG2  1 
ATOM   12  H  HG3  . PRO A 1 1  ? 6.642   7.331   11.666  1.00 0.00 ? 2   PRO A HG3  1 
ATOM   13  H  HD2  . PRO A 1 1  ? 4.237   8.076   10.291  1.00 0.00 ? 2   PRO A HD2  1 
ATOM   14  H  HD3  . PRO A 1 1  ? 5.778   7.668   9.562   1.00 0.00 ? 2   PRO A HD3  1 
ATOM   15  N  N    . ASP A 1 2  ? 2.112   4.693   10.506  1.00 0.00 ? 3   ASP A N    1 
ATOM   16  C  CA   . ASP A 1 2  ? 0.725   4.482   10.888  1.00 0.00 ? 3   ASP A CA   1 
ATOM   17  C  C    . ASP A 1 2  ? -0.112  4.226   9.632   1.00 0.00 ? 3   ASP A C    1 
ATOM   18  O  O    . ASP A 1 2  ? -0.858  5.099   9.190   1.00 0.00 ? 3   ASP A O    1 
ATOM   19  C  CB   . ASP A 1 2  ? 0.154   5.713   11.593  1.00 0.00 ? 3   ASP A CB   1 
ATOM   20  C  CG   . ASP A 1 2  ? 0.554   5.859   13.063  1.00 0.00 ? 3   ASP A CG   1 
ATOM   21  O  OD1  . ASP A 1 2  ? 0.506   4.829   13.769  1.00 0.00 ? 3   ASP A OD1  1 
ATOM   22  O  OD2  . ASP A 1 2  ? 0.898   6.998   13.446  1.00 0.00 ? 3   ASP A OD2  1 
ATOM   23  H  H    . ASP A 1 2  ? 2.276   4.743   9.522   1.00 0.00 ? 3   ASP A H    1 
ATOM   24  H  HA   . ASP A 1 2  ? 0.740   3.624   11.559  1.00 0.00 ? 3   ASP A HA   1 
ATOM   25  H  HB2  . ASP A 1 2  ? 0.477   6.603   11.054  1.00 0.00 ? 3   ASP A HB2  1 
ATOM   26  H  HB3  . ASP A 1 2  ? -0.934  5.678   11.530  1.00 0.00 ? 3   ASP A HB3  1 
ATOM   27  N  N    . VAL A 1 3  ? 0.042   3.026   9.092   1.00 0.00 ? 4   VAL A N    1 
ATOM   28  C  CA   . VAL A 1 3  ? -0.690  2.645   7.895   1.00 0.00 ? 4   VAL A CA   1 
ATOM   29  C  C    . VAL A 1 3  ? -0.913  1.131   7.900   1.00 0.00 ? 4   VAL A C    1 
ATOM   30  O  O    . VAL A 1 3  ? -0.421  0.430   8.784   1.00 0.00 ? 4   VAL A O    1 
ATOM   31  C  CB   . VAL A 1 3  ? 0.050   3.135   6.650   1.00 0.00 ? 4   VAL A CB   1 
ATOM   32  C  CG1  . VAL A 1 3  ? -0.933  3.539   5.551   1.00 0.00 ? 4   VAL A CG1  1 
ATOM   33  C  CG2  . VAL A 1 3  ? 0.994   4.290   6.993   1.00 0.00 ? 4   VAL A CG2  1 
ATOM   34  H  H    . VAL A 1 3  ? 0.651   2.322   9.457   1.00 0.00 ? 4   VAL A H    1 
ATOM   35  H  HA   . VAL A 1 3  ? -1.659  3.143   7.930   1.00 0.00 ? 4   VAL A HA   1 
ATOM   36  H  HB   . VAL A 1 3  ? 0.655   2.309   6.272   1.00 0.00 ? 4   VAL A HB   1 
ATOM   37  H  HG11 . VAL A 1 3  ? -1.783  4.055   5.995   1.00 0.00 ? 4   VAL A HG11 1 
ATOM   38  H  HG12 . VAL A 1 3  ? -0.435  4.203   4.843   1.00 0.00 ? 4   VAL A HG12 1 
ATOM   39  H  HG13 . VAL A 1 3  ? -1.281  2.647   5.028   1.00 0.00 ? 4   VAL A HG13 1 
ATOM   40  H  HG21 . VAL A 1 3  ? 0.421   5.116   7.412   1.00 0.00 ? 4   VAL A HG21 1 
ATOM   41  H  HG22 . VAL A 1 3  ? 1.732   3.952   7.722   1.00 0.00 ? 4   VAL A HG22 1 
ATOM   42  H  HG23 . VAL A 1 3  ? 1.504   4.623   6.089   1.00 0.00 ? 4   VAL A HG23 1 
ATOM   43  N  N    . LYS A 1 4  ? -1.656  0.671   6.904   1.00 0.00 ? 5   LYS A N    1 
ATOM   44  C  CA   . LYS A 1 4  ? -1.951  -0.746  6.784   1.00 0.00 ? 5   LYS A CA   1 
ATOM   45  C  C    . LYS A 1 4  ? -1.228  -1.310  5.557   1.00 0.00 ? 5   LYS A C    1 
ATOM   46  O  O    . LYS A 1 4  ? -0.974  -2.510  5.480   1.00 0.00 ? 5   LYS A O    1 
ATOM   47  C  CB   . LYS A 1 4  ? -3.463  -0.980  6.766   1.00 0.00 ? 5   LYS A CB   1 
ATOM   48  C  CG   . LYS A 1 4  ? -4.197  0.134   7.516   1.00 0.00 ? 5   LYS A CG   1 
ATOM   49  C  CD   . LYS A 1 4  ? -3.965  0.025   9.024   1.00 0.00 ? 5   LYS A CD   1 
ATOM   50  C  CE   . LYS A 1 4  ? -5.293  -0.044  9.781   1.00 0.00 ? 5   LYS A CE   1 
ATOM   51  N  NZ   . LYS A 1 4  ? -5.222  -1.047  10.866  1.00 0.00 ? 5   LYS A NZ   1 
ATOM   52  H  H    . LYS A 1 4  ? -2.052  1.248   6.190   1.00 0.00 ? 5   LYS A H    1 
ATOM   53  H  HA   . LYS A 1 4  ? -1.558  -1.240  7.671   1.00 0.00 ? 5   LYS A HA   1 
ATOM   54  H  HB2  . LYS A 1 4  ? -3.816  -1.024  5.737   1.00 0.00 ? 5   LYS A HB2  1 
ATOM   55  H  HB3  . LYS A 1 4  ? -3.690  -1.943  7.225   1.00 0.00 ? 5   LYS A HB3  1 
ATOM   56  H  HG2  . LYS A 1 4  ? -3.853  1.105   7.161   1.00 0.00 ? 5   LYS A HG2  1 
ATOM   57  H  HG3  . LYS A 1 4  ? -5.265  0.078   7.304   1.00 0.00 ? 5   LYS A HG3  1 
ATOM   58  H  HD2  . LYS A 1 4  ? -3.372  -0.864  9.243   1.00 0.00 ? 5   LYS A HD2  1 
ATOM   59  H  HD3  . LYS A 1 4  ? -3.390  0.884   9.370   1.00 0.00 ? 5   LYS A HD3  1 
ATOM   60  H  HE2  . LYS A 1 4  ? -5.533  0.934   10.197  1.00 0.00 ? 5   LYS A HE2  1 
ATOM   61  H  HE3  . LYS A 1 4  ? -6.097  -0.301  9.092   1.00 0.00 ? 5   LYS A HE3  1 
ATOM   62  H  HZ1  . LYS A 1 4  ? -4.388  -1.590  10.763  1.00 0.00 ? 5   LYS A HZ1  1 
ATOM   63  H  HZ2  . LYS A 1 4  ? -5.207  -0.580  11.751  1.00 0.00 ? 5   LYS A HZ2  1 
ATOM   64  H  HZ3  . LYS A 1 4  ? -6.018  -1.649  10.818  1.00 0.00 ? 5   LYS A HZ3  1 
ATOM   65  N  N    . CYS A 1 5  ? -0.919  -0.415  4.629   1.00 0.00 ? 6   CYS A N    1 
ATOM   66  C  CA   . CYS A 1 5  ? -0.232  -0.809  3.411   1.00 0.00 ? 6   CYS A CA   1 
ATOM   67  C  C    . CYS A 1 5  ? 1.250   -1.005  3.738   1.00 0.00 ? 6   CYS A C    1 
ATOM   68  O  O    . CYS A 1 5  ? 2.061   -0.107  3.520   1.00 0.00 ? 6   CYS A O    1 
ATOM   69  C  CB   . CYS A 1 5  ? -0.438  0.212   2.290   1.00 0.00 ? 6   CYS A CB   1 
ATOM   70  S  SG   . CYS A 1 5  ? 0.646   -0.188  0.873   1.00 0.00 ? 6   CYS A SG   1 
ATOM   71  H  H    . CYS A 1 5  ? -1.131  0.558   4.699   1.00 0.00 ? 6   CYS A H    1 
ATOM   72  H  HA   . CYS A 1 5  ? -0.684  -1.746  3.086   1.00 0.00 ? 6   CYS A HA   1 
ATOM   73  H  HB2  . CYS A 1 5  ? -1.482  0.209   1.974   1.00 0.00 ? 6   CYS A HB2  1 
ATOM   74  H  HB3  . CYS A 1 5  ? -0.219  1.215   2.656   1.00 0.00 ? 6   CYS A HB3  1 
ATOM   75  N  N    . VAL A 1 6  ? 1.558   -2.185  4.256   1.00 0.00 ? 7   VAL A N    1 
ATOM   76  C  CA   . VAL A 1 6  ? 2.928   -2.510  4.615   1.00 0.00 ? 7   VAL A CA   1 
ATOM   77  C  C    . VAL A 1 6  ? 3.868   -2.031  3.509   1.00 0.00 ? 7   VAL A C    1 
ATOM   78  O  O    . VAL A 1 6  ? 5.036   -1.741  3.764   1.00 0.00 ? 7   VAL A O    1 
ATOM   79  C  CB   . VAL A 1 6  ? 3.052   -4.009  4.899   1.00 0.00 ? 7   VAL A CB   1 
ATOM   80  C  CG1  . VAL A 1 6  ? 4.513   -4.405  5.123   1.00 0.00 ? 7   VAL A CG1  1 
ATOM   81  C  CG2  . VAL A 1 6  ? 2.184   -4.416  6.092   1.00 0.00 ? 7   VAL A CG2  1 
ATOM   82  H  H    . VAL A 1 6  ? 0.891   -2.910  4.431   1.00 0.00 ? 7   VAL A H    1 
ATOM   83  H  HA   . VAL A 1 6  ? 3.164   -1.973  5.535   1.00 0.00 ? 7   VAL A HA   1 
ATOM   84  H  HB   . VAL A 1 6  ? 2.689   -4.547  4.023   1.00 0.00 ? 7   VAL A HB   1 
ATOM   85  H  HG11 . VAL A 1 6  ? 5.029   -3.606  5.655   1.00 0.00 ? 7   VAL A HG11 1 
ATOM   86  H  HG12 . VAL A 1 6  ? 4.555   -5.320  5.713   1.00 0.00 ? 7   VAL A HG12 1 
ATOM   87  H  HG13 . VAL A 1 6  ? 4.997   -4.571  4.159   1.00 0.00 ? 7   VAL A HG13 1 
ATOM   88  H  HG21 . VAL A 1 6  ? 1.437   -3.644  6.278   1.00 0.00 ? 7   VAL A HG21 1 
ATOM   89  H  HG22 . VAL A 1 6  ? 1.686   -5.360  5.872   1.00 0.00 ? 7   VAL A HG22 1 
ATOM   90  H  HG23 . VAL A 1 6  ? 2.813   -4.534  6.975   1.00 0.00 ? 7   VAL A HG23 1 
ATOM   91  N  N    . CYS A 1 7  ? 3.325   -1.961  2.303   1.00 0.00 ? 8   CYS A N    1 
ATOM   92  C  CA   . CYS A 1 7  ? 4.101   -1.521  1.156   1.00 0.00 ? 8   CYS A CA   1 
ATOM   93  C  C    . CYS A 1 7  ? 4.805   -0.213  1.525   1.00 0.00 ? 8   CYS A C    1 
ATOM   94  O  O    . CYS A 1 7  ? 6.025   -0.107  1.407   1.00 0.00 ? 8   CYS A O    1 
ATOM   95  C  CB   . CYS A 1 7  ? 3.228   -1.367  -0.091  1.00 0.00 ? 8   CYS A CB   1 
ATOM   96  S  SG   . CYS A 1 7  ? 4.157   -1.903  -1.574  1.00 0.00 ? 8   CYS A SG   1 
ATOM   97  H  H    . CYS A 1 7  ? 2.373   -2.198  2.103   1.00 0.00 ? 8   CYS A H    1 
ATOM   98  H  HA   . CYS A 1 7  ? 4.826   -2.308  0.949   1.00 0.00 ? 8   CYS A HA   1 
ATOM   99  H  HB2  . CYS A 1 7  ? 2.321   -1.962  0.013   1.00 0.00 ? 8   CYS A HB2  1 
ATOM   100 H  HB3  . CYS A 1 7  ? 2.917   -0.329  -0.203  1.00 0.00 ? 8   CYS A HB3  1 
ATOM   101 N  N    . CYS A 1 8  ? 4.005   0.747   1.965   1.00 0.00 ? 9   CYS A N    1 
ATOM   102 C  CA   . CYS A 1 8  ? 4.536   2.043   2.351   1.00 0.00 ? 9   CYS A CA   1 
ATOM   103 C  C    . CYS A 1 8  ? 4.951   1.973   3.823   1.00 0.00 ? 9   CYS A C    1 
ATOM   104 O  O    . CYS A 1 8  ? 5.905   2.629   4.235   1.00 0.00 ? 9   CYS A O    1 
ATOM   105 C  CB   . CYS A 1 8  ? 3.531   3.166   2.095   1.00 0.00 ? 9   CYS A CB   1 
ATOM   106 S  SG   . CYS A 1 8  ? 3.300   3.402   0.295   1.00 0.00 ? 9   CYS A SG   1 
ATOM   107 H  H    . CYS A 1 8  ? 3.015   0.652   2.058   1.00 0.00 ? 9   CYS A H    1 
ATOM   108 H  HA   . CYS A 1 8  ? 5.401   2.230   1.715   1.00 0.00 ? 9   CYS A HA   1 
ATOM   109 H  HB2  . CYS A 1 8  ? 2.576   2.926   2.564   1.00 0.00 ? 9   CYS A HB2  1 
ATOM   110 H  HB3  . CYS A 1 8  ? 3.882   4.093   2.548   1.00 0.00 ? 9   CYS A HB3  1 
ATOM   111 N  N    . THR A 1 9  ? 4.211   1.171   4.575   1.00 0.00 ? 10  THR A N    1 
ATOM   112 C  CA   . THR A 1 9  ? 4.488   1.006   5.991   1.00 0.00 ? 10  THR A CA   1 
ATOM   113 C  C    . THR A 1 9  ? 5.824   0.287   6.193   1.00 0.00 ? 10  THR A C    1 
ATOM   114 O  O    . THR A 1 9  ? 6.290   0.143   7.321   1.00 0.00 ? 10  THR A O    1 
ATOM   115 C  CB   . THR A 1 9  ? 3.303   0.275   6.624   1.00 0.00 ? 10  THR A CB   1 
ATOM   116 O  OG1  . THR A 1 9  ? 2.725   1.241   7.497   1.00 0.00 ? 10  THR A OG1  1 
ATOM   117 C  CG2  . THR A 1 9  ? 3.742   -0.855  7.557   1.00 0.00 ? 10  THR A CG2  1 
ATOM   118 H  H    . THR A 1 9  ? 3.435   0.641   4.233   1.00 0.00 ? 10  THR A H    1 
ATOM   119 H  HA   . THR A 1 9  ? 4.587   1.995   6.440   1.00 0.00 ? 10  THR A HA   1 
ATOM   120 H  HB   . THR A 1 9  ? 2.620   -0.095  5.860   1.00 0.00 ? 10  THR A HB   1 
ATOM   121 H  HG1  . THR A 1 9  ? 1.729   1.154   7.491   1.00 0.00 ? 10  THR A HG1  1 
ATOM   122 H  HG21 . THR A 1 9  ? 4.457   -1.495  7.041   1.00 0.00 ? 10  THR A HG21 1 
ATOM   123 H  HG22 . THR A 1 9  ? 4.209   -0.431  8.446   1.00 0.00 ? 10  THR A HG22 1 
ATOM   124 H  HG23 . THR A 1 9  ? 2.873   -1.445  7.849   1.00 0.00 ? 10  THR A HG23 1 
ATOM   125 N  N    . GLU A 1 10 ? 6.400   -0.145  5.081   1.00 0.00 ? 11  GLU A N    1 
ATOM   126 C  CA   . GLU A 1 10 ? 7.673   -0.846  5.121   1.00 0.00 ? 11  GLU A CA   1 
ATOM   127 C  C    . GLU A 1 10 ? 8.764   -0.002  4.458   1.00 0.00 ? 11  GLU A C    1 
ATOM   128 O  O    . GLU A 1 10 ? 9.881   0.086   4.969   1.00 0.00 ? 11  GLU A O    1 
ATOM   129 C  CB   . GLU A 1 10 ? 7.563   -2.220  4.456   1.00 0.00 ? 11  GLU A CB   1 
ATOM   130 C  CG   . GLU A 1 10 ? 8.849   -3.025  4.649   1.00 0.00 ? 11  GLU A CG   1 
ATOM   131 C  CD   . GLU A 1 10 ? 8.664   -4.473  4.191   1.00 0.00 ? 11  GLU A CD   1 
ATOM   132 O  OE1  . GLU A 1 10 ? 7.637   -4.730  3.524   1.00 0.00 ? 11  GLU A OE1  1 
ATOM   133 O  OE2  . GLU A 1 10 ? 9.551   -5.290  4.516   1.00 0.00 ? 11  GLU A OE2  1 
ATOM   134 H  H    . GLU A 1 10 ? 6.014   -0.023  4.166   1.00 0.00 ? 11  GLU A H    1 
ATOM   135 H  HA   . GLU A 1 10 ? 7.897   -0.977  6.179   1.00 0.00 ? 11  GLU A HA   1 
ATOM   136 H  HB2  . GLU A 1 10 ? 6.721   -2.766  4.880   1.00 0.00 ? 11  GLU A HB2  1 
ATOM   137 H  HB3  . GLU A 1 10 ? 7.362   -2.098  3.392   1.00 0.00 ? 11  GLU A HB3  1 
ATOM   138 H  HG2  . GLU A 1 10 ? 9.660   -2.564  4.086   1.00 0.00 ? 11  GLU A HG2  1 
ATOM   139 H  HG3  . GLU A 1 10 ? 9.140   -3.007  5.698   1.00 0.00 ? 11  GLU A HG3  1 
ATOM   140 N  N    . GLY A 1 11 ? 8.404   0.597   3.333   1.00 0.00 ? 12  GLY A N    1 
ATOM   141 C  CA   . GLY A 1 11 ? 9.338   1.430   2.596   1.00 0.00 ? 12  GLY A CA   1 
ATOM   142 C  C    . GLY A 1 11 ? 9.669   0.812   1.235   1.00 0.00 ? 12  GLY A C    1 
ATOM   143 O  O    . GLY A 1 11 ? 10.648  1.194   0.597   1.00 0.00 ? 12  GLY A O    1 
ATOM   144 H  H    . GLY A 1 11 ? 7.495   0.519   2.925   1.00 0.00 ? 12  GLY A H    1 
ATOM   145 H  HA2  . GLY A 1 11 ? 8.914   2.423   2.455   1.00 0.00 ? 12  GLY A HA2  1 
ATOM   146 H  HA3  . GLY A 1 11 ? 10.254  1.553   3.174   1.00 0.00 ? 12  GLY A HA3  1 
ATOM   147 N  N    . LYS A 1 12 ? 8.831   -0.133  0.831   1.00 0.00 ? 13  LYS A N    1 
ATOM   148 C  CA   . LYS A 1 12 ? 9.021   -0.805  -0.442  1.00 0.00 ? 13  LYS A CA   1 
ATOM   149 C  C    . LYS A 1 12 ? 8.581   0.123   -1.575  1.00 0.00 ? 13  LYS A C    1 
ATOM   150 O  O    . LYS A 1 12 ? 8.097   1.226   -1.327  1.00 0.00 ? 13  LYS A O    1 
ATOM   151 C  CB   . LYS A 1 12 ? 8.308   -2.159  -0.444  1.00 0.00 ? 13  LYS A CB   1 
ATOM   152 C  CG   . LYS A 1 12 ? 8.390   -2.823  0.932   1.00 0.00 ? 13  LYS A CG   1 
ATOM   153 C  CD   . LYS A 1 12 ? 8.926   -4.251  0.821   1.00 0.00 ? 13  LYS A CD   1 
ATOM   154 C  CE   . LYS A 1 12 ? 10.106  -4.468  1.772   1.00 0.00 ? 13  LYS A CE   1 
ATOM   155 N  NZ   . LYS A 1 12 ? 11.376  -4.532  1.015   1.00 0.00 ? 13  LYS A NZ   1 
ATOM   156 H  H    . LYS A 1 12 ? 8.037   -0.437  1.356   1.00 0.00 ? 13  LYS A H    1 
ATOM   157 H  HA   . LYS A 1 12 ? 10.088  -1.004  -0.551  1.00 0.00 ? 13  LYS A HA   1 
ATOM   158 H  HB2  . LYS A 1 12 ? 7.264   -2.024  -0.726  1.00 0.00 ? 13  LYS A HB2  1 
ATOM   159 H  HB3  . LYS A 1 12 ? 8.758   -2.810  -1.194  1.00 0.00 ? 13  LYS A HB3  1 
ATOM   160 H  HG2  . LYS A 1 12 ? 9.034   -2.236  1.585   1.00 0.00 ? 13  LYS A HG2  1 
ATOM   161 H  HG3  . LYS A 1 12 ? 7.400   -2.837  1.391   1.00 0.00 ? 13  LYS A HG3  1 
ATOM   162 H  HD2  . LYS A 1 12 ? 8.134   -4.962  1.053   1.00 0.00 ? 13  LYS A HD2  1 
ATOM   163 H  HD3  . LYS A 1 12 ? 9.241   -4.447  -0.204  1.00 0.00 ? 13  LYS A HD3  1 
ATOM   164 H  HE2  . LYS A 1 12 ? 10.149  -3.657  2.499   1.00 0.00 ? 13  LYS A HE2  1 
ATOM   165 H  HE3  . LYS A 1 12 ? 9.964   -5.391  2.333   1.00 0.00 ? 13  LYS A HE3  1 
ATOM   166 H  HZ1  . LYS A 1 12 ? 11.241  -4.147  0.103   1.00 0.00 ? 13  LYS A HZ1  1 
ATOM   167 H  HZ2  . LYS A 1 12 ? 12.077  -4.006  1.497   1.00 0.00 ? 13  LYS A HZ2  1 
ATOM   168 H  HZ3  . LYS A 1 12 ? 11.671  -5.484  0.937   1.00 0.00 ? 13  LYS A HZ3  1 
ATOM   169 N  N    . GLU A 1 13 ? 8.765   -0.359  -2.797  1.00 0.00 ? 14  GLU A N    1 
ATOM   170 C  CA   . GLU A 1 13 ? 8.392   0.414   -3.970  1.00 0.00 ? 14  GLU A CA   1 
ATOM   171 C  C    . GLU A 1 13 ? 6.892   0.285   -4.237  1.00 0.00 ? 14  GLU A C    1 
ATOM   172 O  O    . GLU A 1 13 ? 6.407   -0.799  -4.559  1.00 0.00 ? 14  GLU A O    1 
ATOM   173 C  CB   . GLU A 1 13 ? 9.207   -0.017  -5.191  1.00 0.00 ? 14  GLU A CB   1 
ATOM   174 C  CG   . GLU A 1 13 ? 8.567   -1.226  -5.878  1.00 0.00 ? 14  GLU A CG   1 
ATOM   175 C  CD   . GLU A 1 13 ? 9.566   -1.922  -6.805  1.00 0.00 ? 14  GLU A CD   1 
ATOM   176 O  OE1  . GLU A 1 13 ? 10.266  -1.189  -7.537  1.00 0.00 ? 14  GLU A OE1  1 
ATOM   177 O  OE2  . GLU A 1 13 ? 9.606   -3.170  -6.760  1.00 0.00 ? 14  GLU A OE2  1 
ATOM   178 H  H    . GLU A 1 13 ? 9.159   -1.257  -2.989  1.00 0.00 ? 14  GLU A H    1 
ATOM   179 H  HA   . GLU A 1 13 ? 8.636   1.449   -3.724  1.00 0.00 ? 14  GLU A HA   1 
ATOM   180 H  HB2  . GLU A 1 13 ? 9.277   0.811   -5.896  1.00 0.00 ? 14  GLU A HB2  1 
ATOM   181 H  HB3  . GLU A 1 13 ? 10.225  -0.262  -4.886  1.00 0.00 ? 14  GLU A HB3  1 
ATOM   182 H  HG2  . GLU A 1 13 ? 8.213   -1.930  -5.126  1.00 0.00 ? 14  GLU A HG2  1 
ATOM   183 H  HG3  . GLU A 1 13 ? 7.697   -0.906  -6.450  1.00 0.00 ? 14  GLU A HG3  1 
ATOM   184 N  N    . CYS A 1 14 ? 6.199   1.404   -4.094  1.00 0.00 ? 15  CYS A N    1 
ATOM   185 C  CA   . CYS A 1 14 ? 4.763   1.428   -4.317  1.00 0.00 ? 15  CYS A CA   1 
ATOM   186 C  C    . CYS A 1 14 ? 4.490   2.196   -5.611  1.00 0.00 ? 15  CYS A C    1 
ATOM   187 O  O    . CYS A 1 14 ? 5.256   3.086   -5.983  1.00 0.00 ? 15  CYS A O    1 
ATOM   188 C  CB   . CYS A 1 14 ? 4.016   2.034   -3.126  1.00 0.00 ? 15  CYS A CB   1 
ATOM   189 S  SG   . CYS A 1 14 ? 2.327   1.337   -3.024  1.00 0.00 ? 15  CYS A SG   1 
ATOM   190 H  H    . CYS A 1 14 ? 6.600   2.281   -3.832  1.00 0.00 ? 15  CYS A H    1 
ATOM   191 H  HA   . CYS A 1 14 ? 4.442   0.391   -4.406  1.00 0.00 ? 15  CYS A HA   1 
ATOM   192 H  HB2  . CYS A 1 14 ? 4.560   1.829   -2.203  1.00 0.00 ? 15  CYS A HB2  1 
ATOM   193 H  HB3  . CYS A 1 14 ? 3.965   3.118   -3.231  1.00 0.00 ? 15  CYS A HB3  1 
ATOM   194 N  N    . ALA A 1 15 ? 3.397   1.826   -6.262  1.00 0.00 ? 16  ALA A N    1 
ATOM   195 C  CA   . ALA A 1 15 ? 3.014   2.469   -7.509  1.00 0.00 ? 16  ALA A CA   1 
ATOM   196 C  C    . ALA A 1 15 ? 1.823   3.394   -7.255  1.00 0.00 ? 16  ALA A C    1 
ATOM   197 O  O    . ALA A 1 15 ? 1.481   4.219   -8.100  1.00 0.00 ? 16  ALA A O    1 
ATOM   198 C  CB   . ALA A 1 15 ? 2.711   1.401   -8.561  1.00 0.00 ? 16  ALA A CB   1 
ATOM   199 H  H    . ALA A 1 15 ? 2.781   1.101   -5.954  1.00 0.00 ? 16  ALA A H    1 
ATOM   200 H  HA   . ALA A 1 15 ? 3.861   3.065   -7.848  1.00 0.00 ? 16  ALA A HA   1 
ATOM   201 H  HB1  . ALA A 1 15 ? 3.571   1.282   -9.219  1.00 0.00 ? 16  ALA A HB1  1 
ATOM   202 H  HB2  . ALA A 1 15 ? 1.844   1.707   -9.149  1.00 0.00 ? 16  ALA A HB2  1 
ATOM   203 H  HB3  . ALA A 1 15 ? 2.497   0.453   -8.066  1.00 0.00 ? 16  ALA A HB3  1 
ATOM   204 N  N    . CYS A 1 16 ? 1.222   3.225   -6.085  1.00 0.00 ? 17  CYS A N    1 
ATOM   205 C  CA   . CYS A 1 16 ? 0.076   4.036   -5.708  1.00 0.00 ? 17  CYS A CA   1 
ATOM   206 C  C    . CYS A 1 16 ? 0.423   4.791   -4.424  1.00 0.00 ? 17  CYS A C    1 
ATOM   207 O  O    . CYS A 1 16 ? -0.466  5.162   -3.660  1.00 0.00 ? 17  CYS A O    1 
ATOM   208 C  CB   . CYS A 1 16 ? -1.187  3.188   -5.549  1.00 0.00 ? 17  CYS A CB   1 
ATOM   209 S  SG   . CYS A 1 16 ? -0.863  1.787   -4.416  1.00 0.00 ? 17  CYS A SG   1 
ATOM   210 H  H    . CYS A 1 16 ? 1.507   2.552   -5.402  1.00 0.00 ? 17  CYS A H    1 
ATOM   211 H  HA   . CYS A 1 16 ? -0.099  4.729   -6.530  1.00 0.00 ? 17  CYS A HA   1 
ATOM   212 H  HB2  . CYS A 1 16 ? -2.000  3.800   -5.159  1.00 0.00 ? 17  CYS A HB2  1 
ATOM   213 H  HB3  . CYS A 1 16 ? -1.508  2.813   -6.521  1.00 0.00 ? 17  CYS A HB3  1 
ATOM   214 N  N    . PHE A 1 17 ? 1.717   4.995   -4.227  1.00 0.00 ? 18  PHE A N    1 
ATOM   215 C  CA   . PHE A 1 17 ? 2.192   5.700   -3.047  1.00 0.00 ? 18  PHE A CA   1 
ATOM   216 C  C    . PHE A 1 17 ? 1.436   7.016   -2.853  1.00 0.00 ? 18  PHE A C    1 
ATOM   217 O  O    . PHE A 1 17 ? 0.858   7.548   -3.800  1.00 0.00 ? 18  PHE A O    1 
ATOM   218 C  CB   . PHE A 1 17 ? 3.674   6.007   -3.275  1.00 0.00 ? 18  PHE A CB   1 
ATOM   219 C  CG   . PHE A 1 17 ? 4.232   7.096   -2.359  1.00 0.00 ? 18  PHE A CG   1 
ATOM   220 C  CD1  . PHE A 1 17 ? 4.619   6.789   -1.093  1.00 0.00 ? 18  PHE A CD1  1 
ATOM   221 C  CD2  . PHE A 1 17 ? 4.341   8.374   -2.812  1.00 0.00 ? 18  PHE A CD2  1 
ATOM   222 C  CE1  . PHE A 1 17 ? 5.138   7.801   -0.243  1.00 0.00 ? 18  PHE A CE1  1 
ATOM   223 C  CE2  . PHE A 1 17 ? 4.860   9.387   -1.962  1.00 0.00 ? 18  PHE A CE2  1 
ATOM   224 C  CZ   . PHE A 1 17 ? 5.248   9.079   -0.695  1.00 0.00 ? 18  PHE A CZ   1 
ATOM   225 H  H    . PHE A 1 17 ? 2.433   4.690   -4.853  1.00 0.00 ? 18  PHE A H    1 
ATOM   226 H  HA   . PHE A 1 17 ? 2.014   5.051   -2.190  1.00 0.00 ? 18  PHE A HA   1 
ATOM   227 H  HB2  . PHE A 1 17 ? 4.249   5.093   -3.128  1.00 0.00 ? 18  PHE A HB2  1 
ATOM   228 H  HB3  . PHE A 1 17 ? 3.815   6.309   -4.313  1.00 0.00 ? 18  PHE A HB3  1 
ATOM   229 H  HD1  . PHE A 1 17 ? 4.532   5.764   -0.731  1.00 0.00 ? 18  PHE A HD1  1 
ATOM   230 H  HD2  . PHE A 1 17 ? 4.030   8.621   -3.827  1.00 0.00 ? 18  PHE A HD2  1 
ATOM   231 H  HE1  . PHE A 1 17 ? 5.449   7.553   0.772   1.00 0.00 ? 18  PHE A HE1  1 
ATOM   232 H  HE2  . PHE A 1 17 ? 4.946   10.412  -2.324  1.00 0.00 ? 18  PHE A HE2  1 
ATOM   233 H  HZ   . PHE A 1 17 ? 5.645   9.855   -0.041  1.00 0.00 ? 18  PHE A HZ   1 
ATOM   234 N  N    . GLY A 1 18 ? 1.464   7.502   -1.621  1.00 0.00 ? 19  GLY A N    1 
ATOM   235 C  CA   . GLY A 1 18 ? 0.789   8.745   -1.292  1.00 0.00 ? 19  GLY A CA   1 
ATOM   236 C  C    . GLY A 1 18 ? -0.669  8.716   -1.753  1.00 0.00 ? 19  GLY A C    1 
ATOM   237 O  O    . GLY A 1 18 ? -1.109  9.597   -2.489  1.00 0.00 ? 19  GLY A O    1 
ATOM   238 H  H    . GLY A 1 18 ? 1.937   7.063   -0.858  1.00 0.00 ? 19  GLY A H    1 
ATOM   239 H  HA2  . GLY A 1 18 ? 0.830   8.911   -0.214  1.00 0.00 ? 19  GLY A HA2  1 
ATOM   240 H  HA3  . GLY A 1 18 ? 1.307   9.581   -1.762  1.00 0.00 ? 19  GLY A HA3  1 
ATOM   241 N  N    . GLN A 1 19 ? -1.379  7.694   -1.299  1.00 0.00 ? 20  GLN A N    1 
ATOM   242 C  CA   . GLN A 1 19 ? -2.779  7.539   -1.657  1.00 0.00 ? 20  GLN A CA   1 
ATOM   243 C  C    . GLN A 1 19 ? -3.604  7.164   -0.423  1.00 0.00 ? 20  GLN A C    1 
ATOM   244 O  O    . GLN A 1 19 ? -3.070  7.076   0.682   1.00 0.00 ? 20  GLN A O    1 
ATOM   245 C  CB   . GLN A 1 19 ? -2.950  6.500   -2.766  1.00 0.00 ? 20  GLN A CB   1 
ATOM   246 C  CG   . GLN A 1 19 ? -2.411  7.025   -4.097  1.00 0.00 ? 20  GLN A CG   1 
ATOM   247 C  CD   . GLN A 1 19 ? -2.757  6.073   -5.244  1.00 0.00 ? 20  GLN A CD   1 
ATOM   248 O  OE1  . GLN A 1 19 ? -3.734  5.345   -5.208  1.00 0.00 ? 20  GLN A OE1  1 
ATOM   249 N  NE2  . GLN A 1 19 ? -1.901  6.119   -6.262  1.00 0.00 ? 20  GLN A NE2  1 
ATOM   250 H  H    . GLN A 1 19 ? -1.015  6.981   -0.700  1.00 0.00 ? 20  GLN A H    1 
ATOM   251 H  HA   . GLN A 1 19 ? -3.094  8.514   -2.029  1.00 0.00 ? 20  GLN A HA   1 
ATOM   252 H  HB2  . GLN A 1 19 ? -2.428  5.582   -2.494  1.00 0.00 ? 20  GLN A HB2  1 
ATOM   253 H  HB3  . GLN A 1 19 ? -4.005  6.245   -2.872  1.00 0.00 ? 20  GLN A HB3  1 
ATOM   254 H  HG2  . GLN A 1 19 ? -2.830  8.011   -4.300  1.00 0.00 ? 20  GLN A HG2  1 
ATOM   255 H  HG3  . GLN A 1 19 ? -1.329  7.146   -4.033  1.00 0.00 ? 20  GLN A HG3  1 
ATOM   256 H  HE21 . GLN A 1 19 ? -1.117  6.739   -6.229  1.00 0.00 ? 20  GLN A HE21 1 
ATOM   257 H  HE22 . GLN A 1 19 ? -2.041  5.533   -7.059  1.00 0.00 ? 20  GLN A HE22 1 
ATOM   258 N  N    . ASP A 1 20 ? -4.892  6.953   -0.652  1.00 0.00 ? 21  ASP A N    1 
ATOM   259 C  CA   . ASP A 1 20 ? -5.795  6.590   0.426   1.00 0.00 ? 21  ASP A CA   1 
ATOM   260 C  C    . ASP A 1 20 ? -5.938  5.068   0.475   1.00 0.00 ? 21  ASP A C    1 
ATOM   261 O  O    . ASP A 1 20 ? -6.163  4.495   1.539   1.00 0.00 ? 21  ASP A O    1 
ATOM   262 C  CB   . ASP A 1 20 ? -7.185  7.189   0.206   1.00 0.00 ? 21  ASP A CB   1 
ATOM   263 C  CG   . ASP A 1 20 ? -8.302  6.552   1.035   1.00 0.00 ? 21  ASP A CG   1 
ATOM   264 O  OD1  . ASP A 1 20 ? -7.969  5.990   2.100   1.00 0.00 ? 21  ASP A OD1  1 
ATOM   265 O  OD2  . ASP A 1 20 ? -9.464  6.640   0.584   1.00 0.00 ? 21  ASP A OD2  1 
ATOM   266 H  H    . ASP A 1 20 ? -5.317  7.028   -1.554  1.00 0.00 ? 21  ASP A H    1 
ATOM   267 H  HA   . ASP A 1 20 ? -5.338  6.994   1.330   1.00 0.00 ? 21  ASP A HA   1 
ATOM   268 H  HB2  . ASP A 1 20 ? -7.145  8.254   0.436   1.00 0.00 ? 21  ASP A HB2  1 
ATOM   269 H  HB3  . ASP A 1 20 ? -7.439  7.099   -0.850  1.00 0.00 ? 21  ASP A HB3  1 
ATOM   270 N  N    . CYS A 1 21 ? -5.804  4.455   -0.693  1.00 0.00 ? 22  CYS A N    1 
ATOM   271 C  CA   . CYS A 1 21 ? -5.915  3.011   -0.797  1.00 0.00 ? 22  CYS A CA   1 
ATOM   272 C  C    . CYS A 1 21 ? -4.797  2.380   0.035   1.00 0.00 ? 22  CYS A C    1 
ATOM   273 O  O    . CYS A 1 21 ? -4.855  1.197   0.365   1.00 0.00 ? 22  CYS A O    1 
ATOM   274 C  CB   . CYS A 1 21 ? -5.874  2.543   -2.254  1.00 0.00 ? 22  CYS A CB   1 
ATOM   275 S  SG   . CYS A 1 21 ? -4.403  3.237   -3.093  1.00 0.00 ? 22  CYS A SG   1 
ATOM   276 H  H    . CYS A 1 21 ? -5.621  4.928   -1.555  1.00 0.00 ? 22  CYS A H    1 
ATOM   277 H  HA   . CYS A 1 21 ? -6.893  2.742   -0.397  1.00 0.00 ? 22  CYS A HA   1 
ATOM   278 H  HB2  . CYS A 1 21 ? -5.846  1.454   -2.294  1.00 0.00 ? 22  CYS A HB2  1 
ATOM   279 H  HB3  . CYS A 1 21 ? -6.781  2.859   -2.771  1.00 0.00 ? 22  CYS A HB3  1 
ATOM   280 N  N    . CYS A 1 22 ? -3.804  3.199   0.350   1.00 0.00 ? 23  CYS A N    1 
ATOM   281 C  CA   . CYS A 1 22 ? -2.673  2.737   1.137   1.00 0.00 ? 23  CYS A CA   1 
ATOM   282 C  C    . CYS A 1 22 ? -3.111  2.652   2.601   1.00 0.00 ? 23  CYS A C    1 
ATOM   283 O  O    . CYS A 1 22 ? -2.772  1.698   3.300   1.00 0.00 ? 23  CYS A O    1 
ATOM   284 C  CB   . CYS A 1 22 ? -1.451  3.640   0.957   1.00 0.00 ? 23  CYS A CB   1 
ATOM   285 S  SG   . CYS A 1 22 ? -0.693  3.346   -0.683  1.00 0.00 ? 23  CYS A SG   1 
ATOM   286 H  H    . CYS A 1 22 ? -3.764  4.161   0.077   1.00 0.00 ? 23  CYS A H    1 
ATOM   287 H  HA   . CYS A 1 22 ? -2.408  1.751   0.756   1.00 0.00 ? 23  CYS A HA   1 
ATOM   288 H  HB2  . CYS A 1 22 ? -1.744  4.686   1.051   1.00 0.00 ? 23  CYS A HB2  1 
ATOM   289 H  HB3  . CYS A 1 22 ? -0.723  3.442   1.744   1.00 0.00 ? 23  CYS A HB3  1 
ATOM   290 N  N    . VAL A 1 23 ? -3.855  3.664   3.022   1.00 0.00 ? 24  VAL A N    1 
ATOM   291 C  CA   . VAL A 1 23 ? -4.342  3.716   4.390   1.00 0.00 ? 24  VAL A CA   1 
ATOM   292 C  C    . VAL A 1 23 ? -5.314  2.559   4.626   1.00 0.00 ? 24  VAL A C    1 
ATOM   293 O  O    . VAL A 1 23 ? -5.066  1.696   5.467   1.00 0.00 ? 24  VAL A O    1 
ATOM   294 C  CB   . VAL A 1 23 ? -4.964  5.086   4.672   1.00 0.00 ? 24  VAL A CB   1 
ATOM   295 C  CG1  . VAL A 1 23 ? -5.867  5.035   5.907   1.00 0.00 ? 24  VAL A CG1  1 
ATOM   296 C  CG2  . VAL A 1 23 ? -3.883  6.157   4.828   1.00 0.00 ? 24  VAL A CG2  1 
ATOM   297 H  H    . VAL A 1 23 ? -4.126  4.436   2.448   1.00 0.00 ? 24  VAL A H    1 
ATOM   298 H  HA   . VAL A 1 23 ? -3.482  3.594   5.049   1.00 0.00 ? 24  VAL A HA   1 
ATOM   299 H  HB   . VAL A 1 23 ? -5.582  5.356   3.816   1.00 0.00 ? 24  VAL A HB   1 
ATOM   300 H  HG11 . VAL A 1 23 ? -5.722  4.084   6.422   1.00 0.00 ? 24  VAL A HG11 1 
ATOM   301 H  HG12 . VAL A 1 23 ? -5.611  5.854   6.577   1.00 0.00 ? 24  VAL A HG12 1 
ATOM   302 H  HG13 . VAL A 1 23 ? -6.909  5.127   5.600   1.00 0.00 ? 24  VAL A HG13 1 
ATOM   303 H  HG21 . VAL A 1 23 ? -2.941  5.686   5.108   1.00 0.00 ? 24  VAL A HG21 1 
ATOM   304 H  HG22 . VAL A 1 23 ? -3.757  6.687   3.884   1.00 0.00 ? 24  VAL A HG22 1 
ATOM   305 H  HG23 . VAL A 1 23 ? -4.180  6.862   5.604   1.00 0.00 ? 24  VAL A HG23 1 
ATOM   306 N  N    . THR A 1 24 ? -6.401  2.577   3.869   1.00 0.00 ? 25  THR A N    1 
ATOM   307 C  CA   . THR A 1 24 ? -7.412  1.540   3.984   1.00 0.00 ? 25  THR A CA   1 
ATOM   308 C  C    . THR A 1 24 ? -6.793  0.163   3.736   1.00 0.00 ? 25  THR A C    1 
ATOM   309 O  O    . THR A 1 24 ? -7.318  -0.850  4.195   1.00 0.00 ? 25  THR A O    1 
ATOM   310 C  CB   . THR A 1 24 ? -8.550  1.878   3.019   1.00 0.00 ? 25  THR A CB   1 
ATOM   311 O  OG1  . THR A 1 24 ? -9.318  0.680   2.956   1.00 0.00 ? 25  THR A OG1  1 
ATOM   312 C  CG2  . THR A 1 24 ? -8.059  2.082   1.585   1.00 0.00 ? 25  THR A CG2  1 
ATOM   313 H  H    . THR A 1 24 ? -6.597  3.283   3.187   1.00 0.00 ? 25  THR A H    1 
ATOM   314 H  HA   . THR A 1 24 ? -7.790  1.541   5.006   1.00 0.00 ? 25  THR A HA   1 
ATOM   315 H  HB   . THR A 1 24 ? -9.109  2.746   3.367   1.00 0.00 ? 25  THR A HB   1 
ATOM   316 H  HG1  . THR A 1 24 ? -8.813  -0.025  2.458   1.00 0.00 ? 25  THR A HG1  1 
ATOM   317 H  HG21 . THR A 1 24 ? -7.048  1.686   1.487   1.00 0.00 ? 25  THR A HG21 1 
ATOM   318 H  HG22 . THR A 1 24 ? -8.723  1.562   0.895   1.00 0.00 ? 25  THR A HG22 1 
ATOM   319 H  HG23 . THR A 1 24 ? -8.055  3.147   1.351   1.00 0.00 ? 25  THR A HG23 1 
ATOM   320 N  N    . GLY A 1 25 ? -5.685  0.170   3.011   1.00 0.00 ? 26  GLY A N    1 
ATOM   321 C  CA   . GLY A 1 25 ? -4.990  -1.066  2.695   1.00 0.00 ? 26  GLY A CA   1 
ATOM   322 C  C    . GLY A 1 25 ? -5.761  -1.879  1.651   1.00 0.00 ? 26  GLY A C    1 
ATOM   323 O  O    . GLY A 1 25 ? -5.470  -3.056  1.440   1.00 0.00 ? 26  GLY A O    1 
ATOM   324 H  H    . GLY A 1 25 ? -5.265  0.998   2.640   1.00 0.00 ? 26  GLY A H    1 
ATOM   325 H  HA2  . GLY A 1 25 ? -3.991  -0.841  2.320   1.00 0.00 ? 26  GLY A HA2  1 
ATOM   326 H  HA3  . GLY A 1 25 ? -4.863  -1.658  3.602   1.00 0.00 ? 26  GLY A HA3  1 
ATOM   327 N  N    . GLU A 1 26 ? -6.725  -1.218  1.029   1.00 0.00 ? 27  GLU A N    1 
ATOM   328 C  CA   . GLU A 1 26 ? -7.539  -1.865  0.014   1.00 0.00 ? 27  GLU A CA   1 
ATOM   329 C  C    . GLU A 1 26 ? -6.655  -2.388  -1.121  1.00 0.00 ? 27  GLU A C    1 
ATOM   330 O  O    . GLU A 1 26 ? -7.101  -3.192  -1.938  1.00 0.00 ? 27  GLU A O    1 
ATOM   331 C  CB   . GLU A 1 26 ? -8.610  -0.911  -0.519  1.00 0.00 ? 27  GLU A CB   1 
ATOM   332 C  CG   . GLU A 1 26 ? -7.998  0.134   -1.455  1.00 0.00 ? 27  GLU A CG   1 
ATOM   333 C  CD   . GLU A 1 26 ? -8.622  0.053   -2.849  1.00 0.00 ? 27  GLU A CD   1 
ATOM   334 O  OE1  . GLU A 1 26 ? -8.660  -1.072  -3.391  1.00 0.00 ? 27  GLU A OE1  1 
ATOM   335 O  OE2  . GLU A 1 26 ? -9.047  1.121   -3.342  1.00 0.00 ? 27  GLU A OE2  1 
ATOM   336 H  H    . GLU A 1 26 ? -6.954  -0.262  1.209   1.00 0.00 ? 27  GLU A H    1 
ATOM   337 H  HA   . GLU A 1 26 ? -8.024  -2.700  0.520   1.00 0.00 ? 27  GLU A HA   1 
ATOM   338 H  HB2  . GLU A 1 26 ? -9.374  -1.477  -1.051  1.00 0.00 ? 27  GLU A HB2  1 
ATOM   339 H  HB3  . GLU A 1 26 ? -9.106  -0.412  0.314   1.00 0.00 ? 27  GLU A HB3  1 
ATOM   340 H  HG2  . GLU A 1 26 ? -8.149  1.131   -1.041  1.00 0.00 ? 27  GLU A HG2  1 
ATOM   341 H  HG3  . GLU A 1 26 ? -6.922  -0.023  -1.525  1.00 0.00 ? 27  GLU A HG3  1 
ATOM   342 N  N    . CYS A 1 27 ? -5.421  -1.909  -1.134  1.00 0.00 ? 28  CYS A N    1 
ATOM   343 C  CA   . CYS A 1 27 ? -4.471  -2.318  -2.156  1.00 0.00 ? 28  CYS A CA   1 
ATOM   344 C  C    . CYS A 1 27 ? -3.568  -3.402  -1.565  1.00 0.00 ? 28  CYS A C    1 
ATOM   345 O  O    . CYS A 1 27 ? -2.575  -3.790  -2.179  1.00 0.00 ? 28  CYS A O    1 
ATOM   346 C  CB   . CYS A 1 27 ? -3.664  -1.131  -2.687  1.00 0.00 ? 28  CYS A CB   1 
ATOM   347 S  SG   . CYS A 1 27 ? -2.731  -0.347  -1.320  1.00 0.00 ? 28  CYS A SG   1 
ATOM   348 H  H    . CYS A 1 27 ? -5.067  -1.255  -0.466  1.00 0.00 ? 28  CYS A H    1 
ATOM   349 H  HA   . CYS A 1 27 ? -5.056  -2.711  -2.988  1.00 0.00 ? 28  CYS A HA   1 
ATOM   350 H  HB2  . CYS A 1 27 ? -2.977  -1.465  -3.463  1.00 0.00 ? 28  CYS A HB2  1 
ATOM   351 H  HB3  . CYS A 1 27 ? -4.333  -0.402  -3.145  1.00 0.00 ? 28  CYS A HB3  1 
ATOM   352 N  N    . CYS A 1 28 ? -3.946  -3.864  -0.382  1.00 0.00 ? 29  CYS A N    1 
ATOM   353 C  CA   . CYS A 1 28 ? -3.183  -4.896  0.297   1.00 0.00 ? 29  CYS A CA   1 
ATOM   354 C  C    . CYS A 1 28 ? -4.165  -5.821  1.020   1.00 0.00 ? 29  CYS A C    1 
ATOM   355 O  O    . CYS A 1 28 ? -3.859  -6.339  2.095   1.00 0.00 ? 29  CYS A O    1 
ATOM   356 C  CB   . CYS A 1 28 ? -2.152  -4.298  1.256   1.00 0.00 ? 29  CYS A CB   1 
ATOM   357 S  SG   . CYS A 1 28 ? -0.578  -3.993  0.370   1.00 0.00 ? 29  CYS A SG   1 
ATOM   358 H  H    . CYS A 1 28 ? -4.756  -3.543  0.110   1.00 0.00 ? 29  CYS A H    1 
ATOM   359 H  HA   . CYS A 1 28 ? -2.636  -5.438  -0.473  1.00 0.00 ? 29  CYS A HA   1 
ATOM   360 H  HB2  . CYS A 1 28 ? -2.528  -3.366  1.675   1.00 0.00 ? 29  CYS A HB2  1 
ATOM   361 H  HB3  . CYS A 1 28 ? -1.982  -4.978  2.091   1.00 0.00 ? 29  CYS A HB3  1 
ATOM   362 N  N    . LYS A 1 29 ? -5.323  -6.001  0.403   1.00 0.00 ? 30  LYS A N    1 
ATOM   363 C  CA   . LYS A 1 29 ? -6.351  -6.854  0.974   1.00 0.00 ? 30  LYS A CA   1 
ATOM   364 C  C    . LYS A 1 29 ? -7.211  -7.433  -0.150  1.00 0.00 ? 30  LYS A C    1 
ATOM   365 O  O    . LYS A 1 29 ? -8.436  -7.331  -0.115  1.00 0.00 ? 30  LYS A O    1 
ATOM   366 C  CB   . LYS A 1 29 ? -7.153  -6.093  2.032   1.00 0.00 ? 30  LYS A CB   1 
ATOM   367 C  CG   . LYS A 1 29 ? -7.847  -4.874  1.420   1.00 0.00 ? 30  LYS A CG   1 
ATOM   368 C  CD   . LYS A 1 29 ? -8.408  -3.958  2.511   1.00 0.00 ? 30  LYS A CD   1 
ATOM   369 C  CE   . LYS A 1 29 ? -9.909  -3.732  2.320   1.00 0.00 ? 30  LYS A CE   1 
ATOM   370 N  NZ   . LYS A 1 29 ? -10.309 -2.416  2.863   1.00 0.00 ? 30  LYS A NZ   1 
ATOM   371 H  H    . LYS A 1 29 ? -5.564  -5.576  -0.470  1.00 0.00 ? 30  LYS A H    1 
ATOM   372 H  HA   . LYS A 1 29 ? -5.848  -7.676  1.483   1.00 0.00 ? 30  LYS A HA   1 
ATOM   373 H  HB2  . LYS A 1 29 ? -7.897  -6.754  2.477   1.00 0.00 ? 30  LYS A HB2  1 
ATOM   374 H  HB3  . LYS A 1 29 ? -6.490  -5.773  2.836   1.00 0.00 ? 30  LYS A HB3  1 
ATOM   375 H  HG2  . LYS A 1 29 ? -7.140  -4.319  0.804   1.00 0.00 ? 30  LYS A HG2  1 
ATOM   376 H  HG3  . LYS A 1 29 ? -8.654  -5.201  0.766   1.00 0.00 ? 30  LYS A HG3  1 
ATOM   377 H  HD2  . LYS A 1 29 ? -8.224  -4.398  3.491   1.00 0.00 ? 30  LYS A HD2  1 
ATOM   378 H  HD3  . LYS A 1 29 ? -7.887  -3.000  2.489   1.00 0.00 ? 30  LYS A HD3  1 
ATOM   379 H  HE2  . LYS A 1 29 ? -10.159 -3.787  1.260   1.00 0.00 ? 30  LYS A HE2  1 
ATOM   380 H  HE3  . LYS A 1 29 ? -10.468 -4.524  2.820   1.00 0.00 ? 30  LYS A HE3  1 
ATOM   381 H  HZ1  . LYS A 1 29 ? -9.568  -2.050  3.426   1.00 0.00 ? 30  LYS A HZ1  1 
ATOM   382 H  HZ2  . LYS A 1 29 ? -10.497 -1.787  2.109   1.00 0.00 ? 30  LYS A HZ2  1 
ATOM   383 H  HZ3  . LYS A 1 29 ? -11.133 -2.522  3.422   1.00 0.00 ? 30  LYS A HZ3  1 
ATOM   384 N  N    . ASP A 1 30 ? -6.535  -8.028  -1.122  1.00 0.00 ? 31  ASP A N    1 
ATOM   385 C  CA   . ASP A 1 30 ? -7.221  -8.623  -2.257  1.00 0.00 ? 31  ASP A CA   1 
ATOM   386 C  C    . ASP A 1 30 ? -6.391  -9.790  -2.794  1.00 0.00 ? 31  ASP A C    1 
ATOM   387 O  O    . ASP A 1 30 ? -6.889  -10.909 -2.908  1.00 0.00 ? 31  ASP A O    1 
ATOM   388 C  CB   . ASP A 1 30 ? -7.399  -7.608  -3.387  1.00 0.00 ? 31  ASP A CB   1 
ATOM   389 C  CG   . ASP A 1 30 ? -8.785  -6.966  -3.468  1.00 0.00 ? 31  ASP A CG   1 
ATOM   390 O  OD1  . ASP A 1 30 ? -9.755  -7.659  -3.092  1.00 0.00 ? 31  ASP A OD1  1 
ATOM   391 O  OD2  . ASP A 1 30 ? -8.844  -5.797  -3.905  1.00 0.00 ? 31  ASP A OD2  1 
ATOM   392 H  H    . ASP A 1 30 ? -5.537  -8.107  -1.143  1.00 0.00 ? 31  ASP A H    1 
ATOM   393 H  HA   . ASP A 1 30 ? -8.189  -8.942  -1.869  1.00 0.00 ? 31  ASP A HA   1 
ATOM   394 H  HB2  . ASP A 1 30 ? -6.657  -6.819  -3.268  1.00 0.00 ? 31  ASP A HB2  1 
ATOM   395 H  HB3  . ASP A 1 30 ? -7.188  -8.103  -4.335  1.00 0.00 ? 31  ASP A HB3  1 
ATOM   396 N  N    . GLY A 1 31 ? -5.141  -9.489  -3.110  1.00 0.00 ? 32  GLY A N    1 
ATOM   397 C  CA   . GLY A 1 31 ? -4.237  -10.499 -3.633  1.00 0.00 ? 32  GLY A CA   1 
ATOM   398 C  C    . GLY A 1 31 ? -2.778  -10.068 -3.469  1.00 0.00 ? 32  GLY A C    1 
ATOM   399 O  O    . GLY A 1 31 ? -1.941  -10.853 -3.028  1.00 0.00 ? 32  GLY A O    1 
ATOM   400 H  H    . GLY A 1 31 ? -4.744  -8.576  -3.015  1.00 0.00 ? 32  GLY A H    1 
ATOM   401 H  HA2  . GLY A 1 31 ? -4.401  -11.443 -3.115  1.00 0.00 ? 32  GLY A HA2  1 
ATOM   402 H  HA3  . GLY A 1 31 ? -4.452  -10.673 -4.688  1.00 0.00 ? 32  GLY A HA3  1 
ATOM   403 N  N    . THR A 1 32 ? -2.519  -8.821  -3.833  1.00 0.00 ? 33  THR A N    1 
ATOM   404 C  CA   . THR A 1 32 ? -1.176  -8.275  -3.732  1.00 0.00 ? 33  THR A CA   1 
ATOM   405 C  C    . THR A 1 32 ? -1.199  -6.759  -3.930  1.00 0.00 ? 33  THR A C    1 
ATOM   406 O  O    . THR A 1 32 ? -2.269  -6.153  -3.989  1.00 0.00 ? 33  THR A O    1 
ATOM   407 C  CB   . THR A 1 32 ? -0.290  -9.006  -4.743  1.00 0.00 ? 33  THR A CB   1 
ATOM   408 O  OG1  . THR A 1 32 ? 0.995   -8.416  -4.571  1.00 0.00 ? 33  THR A OG1  1 
ATOM   409 C  CG2  . THR A 1 32 ? -0.661  -8.676  -6.191  1.00 0.00 ? 33  THR A CG2  1 
ATOM   410 H  H    . THR A 1 32 ? -3.206  -8.187  -4.191  1.00 0.00 ? 33  THR A H    1 
ATOM   411 H  HA   . THR A 1 32 ? -0.806  -8.462  -2.724  1.00 0.00 ? 33  THR A HA   1 
ATOM   412 H  HB   . THR A 1 32 ? -0.312  -10.083 -4.573  1.00 0.00 ? 33  THR A HB   1 
ATOM   413 H  HG1  . THR A 1 32 ? 1.413   -8.753  -3.726  1.00 0.00 ? 33  THR A HG1  1 
ATOM   414 H  HG21 . THR A 1 32 ? -1.746  -8.674  -6.298  1.00 0.00 ? 33  THR A HG21 1 
ATOM   415 H  HG22 . THR A 1 32 ? -0.268  -7.692  -6.450  1.00 0.00 ? 33  THR A HG22 1 
ATOM   416 H  HG23 . THR A 1 32 ? -0.231  -9.425  -6.857  1.00 0.00 ? 33  THR A HG23 1 
ATOM   417 N  N    . CYS A 1 33 ? -0.007  -6.187  -4.027  1.00 0.00 ? 34  CYS A N    1 
ATOM   418 C  CA   . CYS A 1 33 ? 0.121   -4.753  -4.217  1.00 0.00 ? 34  CYS A CA   1 
ATOM   419 C  C    . CYS A 1 33 ? 1.028   -4.508  -5.426  1.00 0.00 ? 34  CYS A C    1 
ATOM   420 O  O    . CYS A 1 33 ? 1.749   -5.406  -5.857  1.00 0.00 ? 34  CYS A O    1 
ATOM   421 C  CB   . CYS A 1 33 ? 0.650   -4.061  -2.959  1.00 0.00 ? 34  CYS A CB   1 
ATOM   422 S  SG   . CYS A 1 33 ? 0.457   -2.247  -3.114  1.00 0.00 ? 34  CYS A SG   1 
ATOM   423 H  H    . CYS A 1 33 ? 0.857   -6.687  -3.978  1.00 0.00 ? 34  CYS A H    1 
ATOM   424 H  HA   . CYS A 1 33 ? -0.882  -4.370  -4.401  1.00 0.00 ? 34  CYS A HA   1 
ATOM   425 H  HB2  . CYS A 1 33 ? 0.109   -4.420  -2.082  1.00 0.00 ? 34  CYS A HB2  1 
ATOM   426 H  HB3  . CYS A 1 33 ? 1.701   -4.312  -2.810  1.00 0.00 ? 34  CYS A HB3  1 
ATOM   427 N  N    . CYS A 1 34 ? 0.959   -3.288  -5.938  1.00 0.00 ? 35  CYS A N    1 
ATOM   428 C  CA   . CYS A 1 34 ? 1.764   -2.914  -7.089  1.00 0.00 ? 35  CYS A CA   1 
ATOM   429 C  C    . CYS A 1 34 ? 1.379   -3.821  -8.259  1.00 0.00 ? 35  CYS A C    1 
ATOM   430 O  O    . CYS A 1 34 ? 0.881   -4.929  -8.055  1.00 0.00 ? 35  CYS A O    1 
ATOM   431 C  CB   . CYS A 1 34 ? 3.260   -2.985  -6.781  1.00 0.00 ? 35  CYS A CB   1 
ATOM   432 S  SG   . CYS A 1 34 ? 3.816   -1.416  -6.020  1.00 0.00 ? 35  CYS A SG   1 
ATOM   433 H  H    . CYS A 1 34 ? 0.369   -2.565  -5.582  1.00 0.00 ? 35  CYS A H    1 
ATOM   434 H  HA   . CYS A 1 34 ? 1.527   -1.874  -7.311  1.00 0.00 ? 35  CYS A HA   1 
ATOM   435 H  HB2  . CYS A 1 34 ? 3.462   -3.817  -6.106  1.00 0.00 ? 35  CYS A HB2  1 
ATOM   436 H  HB3  . CYS A 1 34 ? 3.821   -3.174  -7.695  1.00 0.00 ? 35  CYS A HB3  1 
ATOM   437 N  N    . GLY A 1 35 ? 1.624   -3.320  -9.461  1.00 0.00 ? 36  GLY A N    1 
ATOM   438 C  CA   . GLY A 1 35 ? 1.309   -4.070  -10.664 1.00 0.00 ? 36  GLY A CA   1 
ATOM   439 C  C    . GLY A 1 35 ? 0.801   -3.145  -11.772 1.00 0.00 ? 36  GLY A C    1 
ATOM   440 O  O    . GLY A 1 35 ? -0.284  -3.355  -12.312 1.00 0.00 ? 36  GLY A O    1 
ATOM   441 H  H    . GLY A 1 35 ? 2.027   -2.418  -9.619  1.00 0.00 ? 36  GLY A H    1 
ATOM   442 H  HA2  . GLY A 1 35 ? 2.196   -4.602  -11.008 1.00 0.00 ? 36  GLY A HA2  1 
ATOM   443 H  HA3  . GLY A 1 35 ? 0.554   -4.825  -10.440 1.00 0.00 ? 36  GLY A HA3  1 
ATOM   444 N  N    . ILE A 1 36 ? 1.610   -2.141  -12.077 1.00 0.00 ? 37  ILE A N    1 
ATOM   445 C  CA   . ILE A 1 36 ? 1.255   -1.182  -13.110 1.00 0.00 ? 37  ILE A CA   1 
ATOM   446 C  C    . ILE A 1 36 ? 0.587   -1.918  -14.273 1.00 0.00 ? 37  ILE A C    1 
ATOM   447 O  O    . ILE A 1 36 ? 0.783   -3.119  -14.448 1.00 0.00 ? 37  ILE A O    1 
ATOM   448 C  CB   . ILE A 1 36 ? 2.480   -0.361  -13.522 1.00 0.00 ? 37  ILE A CB   1 
ATOM   449 C  CG1  . ILE A 1 36 ? 2.424   1.044   -12.922 1.00 0.00 ? 37  ILE A CG1  1 
ATOM   450 C  CG2  . ILE A 1 36 ? 2.630   -0.330  -15.044 1.00 0.00 ? 37  ILE A CG2  1 
ATOM   451 C  CD1  . ILE A 1 36 ? 1.948   2.065   -13.957 1.00 0.00 ? 37  ILE A CD1  1 
ATOM   452 H  H    . ILE A 1 36 ? 2.490   -1.978  -11.633 1.00 0.00 ? 37  ILE A H    1 
ATOM   453 H  HA   . ILE A 1 36 ? 0.533   -0.489  -12.679 1.00 0.00 ? 37  ILE A HA   1 
ATOM   454 H  HB   . ILE A 1 36 ? 3.368   -0.849  -13.121 1.00 0.00 ? 37  ILE A HB   1 
ATOM   455 H  HG12 . ILE A 1 36 ? 1.752   1.051   -12.063 1.00 0.00 ? 37  ILE A HG12 1 
ATOM   456 H  HG13 . ILE A 1 36 ? 3.411   1.325   -12.556 1.00 0.00 ? 37  ILE A HG13 1 
ATOM   457 H  HG21 . ILE A 1 36 ? 2.636   -1.349  -15.431 1.00 0.00 ? 37  ILE A HG21 1 
ATOM   458 H  HG22 . ILE A 1 36 ? 1.797   0.220   -15.481 1.00 0.00 ? 37  ILE A HG22 1 
ATOM   459 H  HG23 . ILE A 1 36 ? 3.568   0.162   -15.305 1.00 0.00 ? 37  ILE A HG23 1 
ATOM   460 H  HD11 . ILE A 1 36 ? 0.968   1.770   -14.333 1.00 0.00 ? 37  ILE A HD11 1 
ATOM   461 H  HD12 . ILE A 1 36 ? 1.877   3.048   -13.492 1.00 0.00 ? 37  ILE A HD12 1 
ATOM   462 H  HD13 . ILE A 1 36 ? 2.658   2.102   -14.783 1.00 0.00 ? 37  ILE A HD13 1 
HETATM 463 CD CD   . CD  B 2 .  ? -0.700  -1.697  -0.844  1.00 0.00 ? 104 CD  A CD   1 
HETATM 464 CD CD   . CD  C 2 .  ? -2.333  2.037   -2.286  1.00 0.00 ? 105 CD  A CD   1 
HETATM 465 CD CD   . CD  D 2 .  ? 1.412   1.826   -0.551  1.00 0.00 ? 106 CD  A CD   1 
HETATM 466 CD CD   . CD  E 2 .  ? 2.882   -1.154  -3.713  1.00 0.00 ? 107 CD  A CD   1 
# 
